data_2FPB
#
_entry.id   2FPB
#
_cell.length_a   148.936
_cell.length_b   148.936
_cell.length_c   121.344
_cell.angle_alpha   90.00
_cell.angle_beta   90.00
_cell.angle_gamma   120.00
#
_symmetry.space_group_name_H-M   'H 3'
#
loop_
_entity.id
_entity.type
_entity.pdbx_description
1 polymer 'Strictosidine Synthase'
2 non-polymer 2-(1H-INDOL-3-YL)ETHANAMINE
3 water water
#
_entity_poly.entity_id   1
_entity_poly.type   'polypeptide(L)'
_entity_poly.pdbx_seq_one_letter_code
;SLALSSPILKEILIEAPSYAPNSFTFDSTNKGFYTSVQDGRV(MSE)KYEGPNSGFVDFAYASPYWNKAFCENSTDAEKR
PLCGRTYDISYNLQNNQ(MSE)YIVDCYYHLSVVGSEGGHATQLATSVDGVPFKWLYAVTVDQRTGIVYFTDVSTLYDDR
GVQQI(MSE)DTSDKTGRL(MSE)KYDPSTKETTLL(MSE)KELHVPGGAEVSADSSFVLVAEFLSHQIVKYWLEGPKKG
TAEVLVKIPNPGNIKRNADGHFWVSSSEELDGN(MSE)HGRVDPKGIKFDEFGNILEVIPLPPPFAGEHFEQIQEHDGLL
YIGTLFHGSVGILVYDKKGNSFVSSH
;
_entity_poly.pdbx_strand_id   A,B
#
loop_
_chem_comp.id
_chem_comp.type
_chem_comp.name
_chem_comp.formula
TSS non-polymer 2-(1H-INDOL-3-YL)ETHANAMINE 'C10 H12 N2'
#
# COMPACT_ATOMS: atom_id res chain seq x y z
N PRO A 7 -20.90 6.84 -7.09
CA PRO A 7 -19.75 7.31 -6.21
C PRO A 7 -18.81 6.13 -5.73
N ILE A 8 -17.87 5.77 -6.62
CA ILE A 8 -16.83 4.70 -6.41
C ILE A 8 -15.60 5.21 -5.60
N LEU A 9 -14.93 4.30 -4.87
CA LEU A 9 -13.62 4.61 -4.27
C LEU A 9 -12.62 3.50 -4.57
N LYS A 10 -11.53 3.92 -5.21
CA LYS A 10 -10.38 3.07 -5.33
C LYS A 10 -9.35 3.61 -4.30
N GLU A 11 -8.63 2.72 -3.59
CA GLU A 11 -7.64 3.17 -2.60
C GLU A 11 -6.32 2.50 -2.79
N ILE A 12 -5.26 3.31 -2.79
CA ILE A 12 -3.87 2.81 -2.85
C ILE A 12 -3.19 3.05 -1.51
N LEU A 13 -2.58 2.02 -0.96
CA LEU A 13 -1.91 2.17 0.30
C LEU A 13 -0.45 1.85 0.06
N ILE A 14 0.41 2.87 0.24
CA ILE A 14 1.86 2.71 0.08
C ILE A 14 2.53 2.74 1.44
N GLU A 15 3.10 1.63 1.87
CA GLU A 15 3.78 1.63 3.16
C GLU A 15 5.01 2.53 3.14
N ALA A 16 5.09 3.46 4.09
CA ALA A 16 6.24 4.33 4.16
C ALA A 16 7.26 3.87 5.21
N PRO A 17 8.50 4.36 5.09
CA PRO A 17 9.49 4.17 6.16
C PRO A 17 9.12 5.17 7.26
N SER A 18 9.75 5.02 8.41
CA SER A 18 9.33 5.75 9.58
C SER A 18 7.80 5.47 9.76
N TYR A 19 7.07 6.56 9.97
CA TYR A 19 5.70 6.52 10.38
C TYR A 19 5.16 7.86 10.02
N ALA A 20 3.84 7.91 9.82
CA ALA A 20 3.09 9.16 9.83
C ALA A 20 3.46 10.13 8.71
N PRO A 21 3.30 9.72 7.45
CA PRO A 21 3.54 10.62 6.32
C PRO A 21 2.36 11.55 6.41
N ASN A 22 2.64 12.81 6.59
CA ASN A 22 1.56 13.71 6.92
C ASN A 22 1.42 14.83 5.88
N SER A 23 2.40 15.06 4.98
CA SER A 23 2.15 15.98 3.85
C SER A 23 2.93 15.67 2.62
N PHE A 24 2.56 16.32 1.54
CA PHE A 24 3.16 15.97 0.28
C PHE A 24 3.44 17.22 -0.48
N THR A 25 4.40 17.11 -1.40
CA THR A 25 4.64 18.13 -2.38
C THR A 25 5.28 17.47 -3.57
N PHE A 26 5.42 18.19 -4.68
CA PHE A 26 5.76 17.58 -5.97
C PHE A 26 6.64 18.52 -6.75
N ASP A 27 7.60 17.98 -7.47
CA ASP A 27 8.56 18.83 -8.17
C ASP A 27 8.28 18.99 -9.68
N SER A 28 9.08 19.79 -10.37
CA SER A 28 8.84 20.05 -11.81
C SER A 28 8.75 18.76 -12.62
N THR A 29 9.68 17.82 -12.39
CA THR A 29 9.69 16.55 -13.13
C THR A 29 8.36 15.86 -12.95
N ASN A 30 7.85 15.99 -11.73
CA ASN A 30 6.53 15.48 -11.44
C ASN A 30 6.54 13.93 -11.69
N LYS A 31 7.48 13.28 -11.00
CA LYS A 31 7.62 11.84 -10.96
C LYS A 31 7.70 11.49 -9.47
N GLY A 32 6.80 10.66 -8.97
CA GLY A 32 6.78 10.40 -7.54
C GLY A 32 6.45 11.63 -6.70
N PHE A 33 6.84 11.63 -5.44
CA PHE A 33 6.38 12.66 -4.51
C PHE A 33 7.25 12.76 -3.29
N TYR A 34 7.06 13.83 -2.55
CA TYR A 34 7.83 14.01 -1.34
C TYR A 34 6.92 14.01 -0.13
N THR A 35 7.38 13.42 0.94
CA THR A 35 6.55 13.37 2.12
C THR A 35 7.38 13.44 3.38
N SER A 36 6.83 14.07 4.41
CA SER A 36 7.54 14.25 5.64
C SER A 36 6.99 13.24 6.69
N VAL A 37 7.87 12.75 7.56
CA VAL A 37 7.57 11.59 8.36
C VAL A 37 8.04 11.76 9.79
N GLN A 38 7.63 10.83 10.65
CA GLN A 38 7.80 10.95 12.07
C GLN A 38 9.25 11.22 12.52
N ASP A 39 10.22 10.56 11.91
CA ASP A 39 11.57 10.55 12.45
C ASP A 39 12.44 11.72 11.96
N GLY A 40 11.83 12.74 11.39
CA GLY A 40 12.53 13.94 11.02
C GLY A 40 12.92 14.07 9.57
N ARG A 41 12.86 12.97 8.81
CA ARG A 41 13.19 13.05 7.39
C ARG A 41 12.06 13.59 6.53
N VAL A 42 12.43 14.13 5.37
CA VAL A 42 11.55 14.23 4.22
C VAL A 42 12.10 13.20 3.28
N MSE A 43 11.26 12.22 2.91
CA MSE A 43 11.64 11.20 1.94
C MSE A 43 11.09 11.53 0.58
O MSE A 43 10.18 12.35 0.45
CB MSE A 43 11.06 9.82 2.24
CG MSE A 43 10.84 9.47 3.66
SE MSE A 43 12.44 8.69 4.26
CE MSE A 43 12.85 7.19 2.92
N LYS A 44 11.62 10.85 -0.42
CA LYS A 44 11.08 10.94 -1.75
C LYS A 44 10.73 9.55 -2.28
N TYR A 45 9.51 9.43 -2.80
CA TYR A 45 9.06 8.22 -3.42
C TYR A 45 9.45 8.34 -4.89
N GLU A 46 10.27 7.42 -5.37
CA GLU A 46 10.55 7.33 -6.80
C GLU A 46 9.42 6.63 -7.62
N GLY A 47 9.05 5.43 -7.19
CA GLY A 47 7.95 4.63 -7.75
C GLY A 47 8.03 3.25 -7.09
N PRO A 48 7.28 2.29 -7.63
CA PRO A 48 7.08 0.96 -6.99
C PRO A 48 8.33 0.11 -6.82
N ASN A 49 8.95 -0.14 -7.97
CA ASN A 49 10.30 -0.73 -8.12
C ASN A 49 11.31 -0.05 -7.25
N SER A 50 11.30 1.29 -7.29
CA SER A 50 12.38 2.12 -6.75
C SER A 50 12.22 2.38 -5.27
N GLY A 51 10.99 2.57 -4.78
CA GLY A 51 10.74 2.79 -3.36
C GLY A 51 11.00 4.21 -2.84
N PHE A 52 11.28 4.31 -1.54
CA PHE A 52 11.53 5.60 -0.91
C PHE A 52 13.00 5.79 -0.65
N VAL A 53 13.50 7.01 -0.80
CA VAL A 53 14.87 7.30 -0.40
C VAL A 53 14.89 8.56 0.44
N ASP A 54 15.97 8.74 1.20
CA ASP A 54 16.10 9.97 1.95
C ASP A 54 16.17 11.13 0.96
N PHE A 55 15.52 12.25 1.27
CA PHE A 55 15.72 13.45 0.48
C PHE A 55 16.35 14.58 1.28
N ALA A 56 15.67 15.00 2.36
CA ALA A 56 16.18 16.11 3.14
C ALA A 56 15.87 15.91 4.61
N TYR A 57 16.59 16.65 5.45
CA TYR A 57 16.47 16.71 6.91
C TYR A 57 16.47 18.17 7.35
N ALA A 58 15.47 18.58 8.12
CA ALA A 58 15.46 19.94 8.67
C ALA A 58 16.64 20.10 9.64
N SER A 59 16.81 19.10 10.48
CA SER A 59 17.76 19.13 11.54
C SER A 59 19.23 19.05 11.05
N PRO A 60 20.04 20.00 11.49
CA PRO A 60 21.49 19.90 11.30
C PRO A 60 22.04 18.56 11.83
N TYR A 61 21.35 18.01 12.81
CA TYR A 61 21.88 16.91 13.59
C TYR A 61 21.22 15.59 13.27
N TRP A 62 20.31 15.55 12.31
CA TRP A 62 19.74 14.27 12.05
C TRP A 62 20.81 13.26 11.77
N ASN A 63 20.76 12.14 12.46
CA ASN A 63 21.66 11.05 12.16
C ASN A 63 20.99 9.71 12.35
N LYS A 64 21.47 8.75 11.59
CA LYS A 64 20.78 7.48 11.37
C LYS A 64 20.57 6.59 12.60
N ALA A 65 21.65 6.29 13.32
CA ALA A 65 21.64 5.41 14.48
C ALA A 65 20.65 5.85 15.55
N PHE A 66 20.65 7.15 15.84
CA PHE A 66 19.83 7.72 16.89
C PHE A 66 18.40 8.07 16.43
N CYS A 67 18.25 8.53 15.17
CA CYS A 67 17.00 9.11 14.67
C CYS A 67 16.07 8.19 13.90
N GLU A 68 16.64 7.36 13.01
CA GLU A 68 15.87 6.58 12.06
C GLU A 68 14.77 5.74 12.70
N ASN A 69 13.56 5.86 12.21
CA ASN A 69 12.40 5.10 12.74
C ASN A 69 12.12 5.27 14.25
N SER A 70 12.50 6.41 14.79
CA SER A 70 12.22 6.66 16.18
C SER A 70 10.74 6.73 16.29
N THR A 71 10.20 6.16 17.37
CA THR A 71 8.87 6.67 17.74
C THR A 71 8.84 7.42 19.05
N ASP A 72 9.99 7.83 19.56
CA ASP A 72 10.02 8.51 20.83
C ASP A 72 9.99 10.01 20.65
N ALA A 73 9.01 10.64 21.28
CA ALA A 73 8.79 12.04 21.09
C ALA A 73 9.92 12.87 21.72
N GLU A 74 10.57 12.30 22.73
CA GLU A 74 11.65 13.02 23.35
C GLU A 74 12.91 12.95 22.49
N LYS A 75 12.80 12.33 21.31
CA LYS A 75 13.86 12.44 20.30
C LYS A 75 13.70 13.62 19.33
N ARG A 76 12.55 14.29 19.37
CA ARG A 76 12.23 15.27 18.35
C ARG A 76 13.08 16.54 18.44
N PRO A 77 13.38 17.01 19.64
CA PRO A 77 14.14 18.25 19.72
C PRO A 77 15.44 18.18 18.93
N LEU A 78 16.07 17.02 18.81
CA LEU A 78 17.32 16.91 18.07
C LEU A 78 17.10 16.46 16.62
N CYS A 79 16.20 15.53 16.44
CA CYS A 79 15.93 14.90 15.16
C CYS A 79 15.05 15.75 14.25
N GLY A 80 14.24 16.62 14.87
CA GLY A 80 13.24 17.42 14.17
C GLY A 80 11.94 16.64 13.94
N ARG A 81 10.89 17.36 13.56
CA ARG A 81 9.70 16.77 12.97
C ARG A 81 9.18 17.82 12.01
N THR A 82 9.20 17.52 10.73
CA THR A 82 8.74 18.47 9.73
C THR A 82 7.24 18.30 9.48
N TYR A 83 6.50 19.41 9.49
CA TYR A 83 5.04 19.34 9.39
C TYR A 83 4.47 19.65 8.04
N ASP A 84 5.25 20.32 7.20
CA ASP A 84 4.82 20.65 5.84
C ASP A 84 6.03 21.01 4.96
N ILE A 85 5.88 20.80 3.66
CA ILE A 85 6.93 20.99 2.65
C ILE A 85 6.27 21.55 1.40
N SER A 86 6.89 22.48 0.71
CA SER A 86 6.25 22.96 -0.52
C SER A 86 7.28 23.34 -1.57
N TYR A 87 7.18 22.80 -2.77
CA TYR A 87 8.19 23.09 -3.78
C TYR A 87 8.03 24.46 -4.41
N ASN A 88 9.15 25.09 -4.77
CA ASN A 88 9.12 26.25 -5.68
C ASN A 88 9.46 25.75 -7.08
N LEU A 89 8.46 25.61 -7.94
CA LEU A 89 8.72 24.91 -9.18
C LEU A 89 9.69 25.63 -10.12
N GLN A 90 9.63 26.96 -10.23
CA GLN A 90 10.51 27.63 -11.22
C GLN A 90 11.96 27.38 -10.89
N ASN A 91 12.34 27.42 -9.61
CA ASN A 91 13.76 27.22 -9.26
C ASN A 91 14.13 25.90 -8.56
N ASN A 92 13.26 24.92 -8.70
CA ASN A 92 13.46 23.60 -8.12
C ASN A 92 14.07 23.66 -6.69
N GLN A 93 13.27 24.20 -5.76
CA GLN A 93 13.65 24.42 -4.37
C GLN A 93 12.52 24.17 -3.39
N MSE A 94 12.85 23.52 -2.30
CA MSE A 94 11.81 23.06 -1.41
C MSE A 94 11.79 23.76 -0.07
O MSE A 94 12.70 23.62 0.70
CB MSE A 94 11.95 21.55 -1.18
CG MSE A 94 10.74 20.97 -0.48
SE MSE A 94 10.93 19.10 -0.13
CE MSE A 94 11.83 19.20 1.56
N TYR A 95 10.73 24.48 0.23
CA TYR A 95 10.57 25.02 1.57
C TYR A 95 10.05 24.04 2.57
N ILE A 96 10.64 24.08 3.76
CA ILE A 96 10.30 23.22 4.86
C ILE A 96 9.89 24.06 6.08
N VAL A 97 8.83 23.67 6.76
CA VAL A 97 8.55 24.17 8.09
C VAL A 97 8.64 23.01 9.08
N ASP A 98 9.53 23.11 10.06
CA ASP A 98 9.74 22.03 11.01
C ASP A 98 9.43 22.55 12.41
N CYS A 99 8.89 21.68 13.29
CA CYS A 99 8.50 22.11 14.62
C CYS A 99 9.69 22.70 15.37
N TYR A 100 10.86 22.06 15.25
CA TYR A 100 12.00 22.37 16.08
C TYR A 100 13.10 23.15 15.35
N TYR A 101 13.09 23.11 14.02
CA TYR A 101 14.10 23.83 13.27
C TYR A 101 13.45 24.92 12.37
N HIS A 102 12.12 25.11 12.54
CA HIS A 102 11.38 26.21 11.95
C HIS A 102 11.44 26.24 10.44
N LEU A 103 11.53 27.44 9.86
CA LEU A 103 11.40 27.58 8.42
C LEU A 103 12.74 27.47 7.79
N SER A 104 12.85 26.57 6.84
CA SER A 104 14.12 26.40 6.14
C SER A 104 13.88 26.09 4.66
N VAL A 105 14.94 25.89 3.90
CA VAL A 105 14.83 25.54 2.49
C VAL A 105 15.94 24.61 2.06
N VAL A 106 15.69 23.86 1.00
CA VAL A 106 16.68 22.96 0.45
C VAL A 106 16.62 23.00 -1.08
N GLY A 107 17.79 22.76 -1.69
CA GLY A 107 17.93 22.70 -3.12
C GLY A 107 17.49 21.37 -3.67
N SER A 108 17.51 21.29 -5.00
CA SER A 108 17.08 20.13 -5.79
C SER A 108 17.71 18.84 -5.29
N GLU A 109 18.90 19.02 -4.69
CA GLU A 109 19.79 17.96 -4.33
C GLU A 109 19.52 17.37 -2.95
N GLY A 110 18.65 18.03 -2.17
CA GLY A 110 18.29 17.56 -0.84
C GLY A 110 19.39 17.81 0.18
N GLY A 111 19.43 17.04 1.26
CA GLY A 111 20.44 17.22 2.29
C GLY A 111 19.86 17.92 3.51
N HIS A 112 20.73 18.40 4.40
CA HIS A 112 20.30 19.17 5.58
C HIS A 112 19.80 20.55 5.13
N ALA A 113 18.69 21.05 5.65
CA ALA A 113 18.10 22.29 5.12
C ALA A 113 18.86 23.54 5.62
N THR A 114 18.78 24.64 4.87
CA THR A 114 19.29 25.93 5.30
C THR A 114 18.21 26.74 6.00
N GLN A 115 18.46 27.14 7.25
CA GLN A 115 17.45 27.80 8.06
C GLN A 115 17.18 29.23 7.62
N LEU A 116 15.90 29.63 7.56
CA LEU A 116 15.58 30.93 7.00
C LEU A 116 14.95 31.92 7.98
N ALA A 117 14.23 31.40 8.99
CA ALA A 117 13.60 32.23 10.01
C ALA A 117 13.26 31.42 11.24
N THR A 118 13.47 32.04 12.40
CA THR A 118 13.08 31.41 13.65
C THR A 118 12.12 32.25 14.46
N SER A 119 11.79 33.45 14.00
CA SER A 119 10.87 34.28 14.76
C SER A 119 10.36 35.50 13.99
N VAL A 120 9.30 36.13 14.49
CA VAL A 120 8.79 37.35 13.90
C VAL A 120 8.37 38.32 14.99
N ASP A 121 8.72 39.59 14.80
CA ASP A 121 8.37 40.65 15.74
C ASP A 121 8.95 40.39 17.15
N GLY A 122 10.13 39.78 17.19
CA GLY A 122 10.79 39.45 18.43
C GLY A 122 10.21 38.24 19.17
N VAL A 123 9.20 37.59 18.59
CA VAL A 123 8.61 36.44 19.25
C VAL A 123 8.88 35.16 18.49
N PRO A 124 9.69 34.31 19.12
CA PRO A 124 10.18 33.08 18.49
C PRO A 124 9.05 32.13 18.08
N PHE A 125 9.19 31.45 16.95
CA PHE A 125 8.20 30.42 16.60
C PHE A 125 8.30 29.24 17.54
N LYS A 126 7.14 28.66 17.92
CA LYS A 126 7.06 27.47 18.79
C LYS A 126 6.68 26.19 18.08
N TRP A 127 5.87 26.30 17.02
CA TRP A 127 5.41 25.13 16.27
C TRP A 127 4.89 25.51 14.87
N LEU A 128 5.81 25.78 13.96
CA LEU A 128 5.48 25.98 12.56
C LEU A 128 4.79 24.76 11.99
N TYR A 129 3.87 24.97 11.07
CA TYR A 129 2.91 23.92 10.74
C TYR A 129 2.58 23.76 9.26
N ALA A 130 2.27 24.87 8.60
CA ALA A 130 1.77 24.83 7.25
C ALA A 130 2.62 25.73 6.44
N VAL A 131 2.85 25.36 5.19
CA VAL A 131 3.66 26.20 4.32
C VAL A 131 3.17 26.14 2.89
N THR A 132 3.32 27.26 2.18
CA THR A 132 3.02 27.25 0.77
C THR A 132 3.79 28.30 0.00
N VAL A 133 4.21 27.94 -1.20
CA VAL A 133 4.84 28.84 -2.13
C VAL A 133 3.85 29.35 -3.16
N ASP A 134 3.77 30.67 -3.24
CA ASP A 134 3.04 31.33 -4.29
C ASP A 134 3.95 31.34 -5.51
N GLN A 135 3.70 30.45 -6.46
CA GLN A 135 4.58 30.30 -7.60
C GLN A 135 4.77 31.60 -8.40
N ARG A 136 3.75 32.45 -8.41
CA ARG A 136 3.85 33.70 -9.15
C ARG A 136 4.81 34.69 -8.49
N THR A 137 4.63 34.97 -7.20
CA THR A 137 5.50 35.95 -6.57
C THR A 137 6.79 35.35 -6.01
N GLY A 138 6.75 34.06 -5.67
CA GLY A 138 7.91 33.40 -5.08
C GLY A 138 7.83 33.61 -3.59
N ILE A 139 6.80 34.28 -3.12
CA ILE A 139 6.63 34.49 -1.69
C ILE A 139 6.08 33.24 -1.00
N VAL A 140 6.52 33.09 0.23
CA VAL A 140 6.22 31.96 1.08
C VAL A 140 5.25 32.34 2.20
N TYR A 141 4.11 31.67 2.28
CA TYR A 141 3.21 31.89 3.40
C TYR A 141 3.21 30.68 4.30
N PHE A 142 3.24 30.94 5.60
CA PHE A 142 3.25 29.88 6.61
C PHE A 142 2.67 30.30 7.91
N THR A 143 2.57 29.30 8.77
CA THR A 143 1.71 29.34 9.92
C THR A 143 2.47 28.80 11.11
N ASP A 144 2.22 29.38 12.29
CA ASP A 144 2.77 28.88 13.55
C ASP A 144 1.56 28.60 14.46
N VAL A 145 1.46 27.37 14.99
CA VAL A 145 0.25 27.04 15.72
C VAL A 145 0.18 27.60 17.11
N SER A 146 1.34 27.91 17.69
CA SER A 146 1.32 28.48 19.03
C SER A 146 2.56 29.32 19.31
N THR A 147 2.47 30.18 20.31
CA THR A 147 3.66 30.80 20.84
C THR A 147 4.09 30.13 22.15
N LEU A 148 3.21 29.26 22.70
CA LEU A 148 3.49 28.59 23.98
C LEU A 148 3.86 27.11 23.87
N TYR A 149 3.13 26.36 23.05
CA TYR A 149 3.22 24.91 23.08
C TYR A 149 3.74 24.35 21.81
N ASP A 150 4.54 23.29 21.88
CA ASP A 150 5.00 22.64 20.67
C ASP A 150 4.38 21.23 20.50
N ASP A 151 4.79 20.52 19.46
CA ASP A 151 4.61 19.08 19.30
C ASP A 151 4.15 18.21 20.42
N ARG A 152 4.80 18.35 21.58
CA ARG A 152 4.58 17.39 22.64
C ARG A 152 3.65 18.02 23.67
N GLY A 153 2.93 19.03 23.24
CA GLY A 153 2.05 19.81 24.10
C GLY A 153 0.62 19.97 23.56
N VAL A 154 0.19 19.02 22.71
CA VAL A 154 -1.14 19.04 22.14
C VAL A 154 -2.26 19.08 23.18
N GLN A 155 -2.15 18.24 24.19
CA GLN A 155 -3.16 18.24 25.22
C GLN A 155 -3.33 19.66 25.81
N GLN A 156 -2.24 20.34 26.17
CA GLN A 156 -2.33 21.73 26.63
C GLN A 156 -3.00 22.68 25.61
N ILE A 157 -2.58 22.63 24.35
CA ILE A 157 -3.24 23.37 23.31
C ILE A 157 -4.77 23.24 23.41
N MSE A 158 -5.29 22.01 23.39
CA MSE A 158 -6.73 21.77 23.64
C MSE A 158 -7.25 22.20 25.02
O MSE A 158 -8.30 22.81 25.13
CB MSE A 158 -7.15 20.33 23.41
CG MSE A 158 -6.57 19.65 22.22
SE MSE A 158 -7.01 20.49 20.54
CE MSE A 158 -8.38 18.98 19.80
N ASP A 159 -6.54 21.87 26.08
CA ASP A 159 -7.04 22.24 27.40
C ASP A 159 -7.16 23.76 27.58
N THR A 160 -6.18 24.54 27.11
CA THR A 160 -6.21 26.00 27.29
C THR A 160 -6.93 26.64 26.14
N SER A 161 -7.24 25.86 25.10
CA SER A 161 -7.94 26.39 23.94
C SER A 161 -7.08 27.48 23.33
N ASP A 162 -5.82 27.14 23.18
CA ASP A 162 -4.79 28.06 22.82
C ASP A 162 -5.12 28.89 21.58
N LYS A 163 -5.07 30.23 21.71
CA LYS A 163 -5.39 31.14 20.62
C LYS A 163 -4.27 32.16 20.47
N THR A 164 -3.08 31.64 20.20
CA THR A 164 -1.88 32.46 19.94
C THR A 164 -1.23 32.12 18.58
N GLY A 165 -1.96 31.44 17.70
CA GLY A 165 -1.43 31.12 16.39
C GLY A 165 -1.11 32.34 15.53
N ARG A 166 -0.23 32.15 14.54
CA ARG A 166 0.22 33.26 13.70
C ARG A 166 0.31 32.91 12.22
N LEU A 167 0.09 33.89 11.35
CA LEU A 167 0.32 33.74 9.90
C LEU A 167 1.39 34.72 9.46
N MSE A 168 2.41 34.23 8.76
CA MSE A 168 3.55 35.05 8.35
C MSE A 168 3.73 34.91 6.89
O MSE A 168 3.30 33.93 6.31
CB MSE A 168 4.83 34.53 8.94
CG MSE A 168 5.19 35.01 10.29
SE MSE A 168 4.25 34.07 11.74
CE MSE A 168 4.31 32.16 11.25
N LYS A 169 4.44 35.86 6.29
CA LYS A 169 4.99 35.67 4.95
C LYS A 169 6.49 35.76 5.03
N TYR A 170 7.18 34.94 4.23
CA TYR A 170 8.62 35.09 3.97
C TYR A 170 8.89 35.46 2.53
N ASP A 171 9.81 36.40 2.31
CA ASP A 171 10.02 36.96 0.99
C ASP A 171 11.45 36.74 0.55
N PRO A 172 11.70 35.65 -0.19
CA PRO A 172 13.06 35.27 -0.61
C PRO A 172 13.93 36.45 -1.05
N SER A 173 13.41 37.31 -1.93
CA SER A 173 14.23 38.37 -2.45
C SER A 173 14.67 39.35 -1.34
N THR A 174 13.77 39.79 -0.43
CA THR A 174 14.17 40.73 0.65
C THR A 174 14.74 40.00 1.87
N LYS A 175 14.52 38.68 1.93
CA LYS A 175 14.90 37.88 3.10
C LYS A 175 14.15 38.27 4.37
N GLU A 176 13.00 38.94 4.21
CA GLU A 176 12.23 39.42 5.34
C GLU A 176 10.99 38.59 5.70
N THR A 177 10.82 38.37 7.00
CA THR A 177 9.64 37.71 7.53
C THR A 177 8.67 38.76 8.01
N THR A 178 7.43 38.69 7.56
CA THR A 178 6.44 39.66 7.96
C THR A 178 5.26 38.94 8.58
N LEU A 179 4.81 39.43 9.73
CA LEU A 179 3.65 38.89 10.42
C LEU A 179 2.35 39.42 9.80
N LEU A 180 1.45 38.54 9.41
CA LEU A 180 0.20 38.97 8.77
C LEU A 180 -1.02 38.88 9.66
N MSE A 181 -1.08 37.87 10.52
CA MSE A 181 -2.19 37.75 11.44
C MSE A 181 -1.65 37.15 12.71
O MSE A 181 -0.74 36.32 12.62
CB MSE A 181 -3.26 36.83 10.87
CG MSE A 181 -3.87 37.27 9.58
SE MSE A 181 -5.42 36.14 9.15
CE MSE A 181 -6.73 36.99 10.47
N LYS A 182 -2.21 37.54 13.86
CA LYS A 182 -1.87 36.95 15.16
C LYS A 182 -3.13 36.52 15.86
N GLU A 183 -3.02 35.90 17.04
CA GLU A 183 -4.18 35.39 17.78
C GLU A 183 -5.11 34.50 16.93
N LEU A 184 -4.52 33.61 16.18
CA LEU A 184 -5.27 32.59 15.49
C LEU A 184 -5.55 31.35 16.41
N HIS A 185 -6.69 30.72 16.16
CA HIS A 185 -7.17 29.63 16.98
C HIS A 185 -6.63 28.25 16.49
N VAL A 186 -5.33 28.01 16.68
CA VAL A 186 -4.66 26.79 16.22
C VAL A 186 -4.74 26.72 14.69
N PRO A 187 -3.94 27.55 14.00
CA PRO A 187 -3.95 27.60 12.53
C PRO A 187 -3.25 26.43 11.77
N GLY A 188 -3.91 25.26 11.68
CA GLY A 188 -3.29 24.09 11.10
C GLY A 188 -3.22 23.98 9.57
N GLY A 189 -3.64 25.00 8.83
CA GLY A 189 -3.58 24.91 7.39
C GLY A 189 -3.54 26.30 6.86
N ALA A 190 -2.86 26.48 5.72
CA ALA A 190 -2.78 27.77 4.99
C ALA A 190 -2.53 27.52 3.50
N GLU A 191 -3.21 28.25 2.64
CA GLU A 191 -2.97 28.12 1.19
C GLU A 191 -3.16 29.42 0.46
N VAL A 192 -2.33 29.64 -0.57
CA VAL A 192 -2.41 30.85 -1.39
C VAL A 192 -3.36 30.61 -2.58
N SER A 193 -4.06 31.66 -3.04
CA SER A 193 -4.93 31.54 -4.21
C SER A 193 -4.10 31.44 -5.48
N ALA A 194 -4.71 30.91 -6.53
CA ALA A 194 -4.04 30.82 -7.82
C ALA A 194 -3.66 32.20 -8.34
N ASP A 195 -4.45 33.20 -8.02
CA ASP A 195 -4.17 34.50 -8.61
C ASP A 195 -3.42 35.45 -7.67
N SER A 196 -2.99 34.93 -6.50
CA SER A 196 -2.11 35.68 -5.59
C SER A 196 -2.80 36.78 -4.86
N SER A 197 -4.13 36.76 -4.86
CA SER A 197 -4.87 37.88 -4.31
C SER A 197 -5.19 37.70 -2.84
N PHE A 198 -5.25 36.46 -2.37
CA PHE A 198 -5.59 36.17 -0.98
C PHE A 198 -4.94 34.91 -0.45
N VAL A 199 -4.78 34.83 0.88
CA VAL A 199 -4.35 33.60 1.56
C VAL A 199 -5.47 33.08 2.44
N LEU A 200 -5.58 31.77 2.56
CA LEU A 200 -6.58 31.13 3.39
C LEU A 200 -5.89 30.54 4.59
N VAL A 201 -6.51 30.56 5.77
CA VAL A 201 -5.94 29.81 6.91
C VAL A 201 -7.05 29.04 7.61
N ALA A 202 -6.79 27.81 8.00
CA ALA A 202 -7.82 27.05 8.72
C ALA A 202 -7.56 27.32 10.18
N GLU A 203 -8.57 27.76 10.94
CA GLU A 203 -8.43 27.87 12.39
C GLU A 203 -9.07 26.64 12.99
N PHE A 204 -8.26 25.67 13.41
CA PHE A 204 -8.79 24.40 13.90
C PHE A 204 -9.88 24.46 14.94
N LEU A 205 -9.63 25.14 16.05
CA LEU A 205 -10.55 25.20 17.19
C LEU A 205 -11.71 26.18 17.00
N SER A 206 -11.75 26.83 15.84
CA SER A 206 -12.84 27.75 15.50
C SER A 206 -13.71 27.23 14.36
N HIS A 207 -13.25 26.14 13.76
CA HIS A 207 -13.98 25.45 12.75
C HIS A 207 -14.27 26.35 11.59
N GLN A 208 -13.27 27.11 11.19
CA GLN A 208 -13.49 28.06 10.10
C GLN A 208 -12.26 28.23 9.18
N ILE A 209 -12.53 28.45 7.89
CA ILE A 209 -11.55 28.95 6.97
C ILE A 209 -11.66 30.46 6.96
N VAL A 210 -10.53 31.10 7.18
CA VAL A 210 -10.44 32.54 7.14
C VAL A 210 -9.69 33.00 5.85
N LYS A 211 -10.17 34.06 5.21
CA LYS A 211 -9.54 34.61 4.03
C LYS A 211 -8.87 35.94 4.34
N TYR A 212 -7.58 36.00 4.04
CA TYR A 212 -6.75 37.19 4.26
C TYR A 212 -6.41 37.75 2.88
N TRP A 213 -6.76 39.01 2.63
CA TRP A 213 -6.45 39.61 1.34
C TRP A 213 -5.07 40.18 1.22
N LEU A 214 -4.36 39.68 0.21
CA LEU A 214 -3.10 40.23 -0.23
C LEU A 214 -3.21 41.47 -1.17
N GLU A 215 -4.22 41.46 -2.05
CA GLU A 215 -4.46 42.52 -3.05
C GLU A 215 -5.91 43.08 -3.12
N GLY A 216 -6.09 44.20 -3.81
CA GLY A 216 -7.41 44.83 -3.91
C GLY A 216 -7.77 45.77 -2.76
N PRO A 217 -9.02 46.24 -2.71
CA PRO A 217 -9.41 47.26 -1.70
C PRO A 217 -9.51 46.69 -0.28
N LYS A 218 -9.81 45.39 -0.17
CA LYS A 218 -9.91 44.77 1.13
C LYS A 218 -8.53 44.31 1.69
N LYS A 219 -7.45 44.87 1.14
CA LYS A 219 -6.07 44.46 1.48
C LYS A 219 -5.73 44.66 2.96
N GLY A 220 -5.08 43.67 3.56
CA GLY A 220 -4.70 43.74 4.96
C GLY A 220 -5.82 43.36 5.94
N THR A 221 -6.97 42.91 5.40
CA THR A 221 -8.19 42.58 6.14
C THR A 221 -8.48 41.11 6.01
N ALA A 222 -9.03 40.52 7.07
CA ALA A 222 -9.53 39.14 7.00
C ALA A 222 -11.06 39.01 7.22
N GLU A 223 -11.59 37.86 6.86
CA GLU A 223 -13.04 37.60 6.97
C GLU A 223 -13.28 36.08 6.91
N VAL A 224 -14.31 35.61 7.60
CA VAL A 224 -14.64 34.20 7.64
C VAL A 224 -15.13 33.81 6.26
N LEU A 225 -14.49 32.84 5.64
CA LEU A 225 -14.90 32.43 4.32
C LEU A 225 -15.95 31.33 4.36
N VAL A 226 -15.72 30.28 5.16
CA VAL A 226 -16.69 29.22 5.30
C VAL A 226 -16.42 28.48 6.57
N LYS A 227 -17.41 27.80 7.10
CA LYS A 227 -17.12 27.04 8.30
C LYS A 227 -17.21 25.56 8.06
N ILE A 228 -16.23 24.88 8.63
CA ILE A 228 -15.98 23.46 8.48
C ILE A 228 -15.60 22.86 9.85
N PRO A 229 -16.15 21.71 10.25
CA PRO A 229 -15.73 21.12 11.53
C PRO A 229 -14.27 20.73 11.54
N ASN A 230 -13.51 21.17 12.54
CA ASN A 230 -12.10 20.76 12.74
C ASN A 230 -11.29 20.68 11.44
N PRO A 231 -11.04 21.83 10.82
CA PRO A 231 -10.27 21.91 9.59
C PRO A 231 -8.78 21.89 9.78
N GLY A 232 -8.09 21.07 8.99
CA GLY A 232 -6.64 20.94 9.03
C GLY A 232 -5.99 21.56 7.83
N ASN A 233 -4.95 20.89 7.29
CA ASN A 233 -4.26 21.34 6.08
C ASN A 233 -5.19 21.75 4.96
N ILE A 234 -4.79 22.77 4.18
CA ILE A 234 -5.51 23.19 2.99
C ILE A 234 -4.54 23.15 1.84
N LYS A 235 -4.89 22.49 0.74
CA LYS A 235 -4.05 22.51 -0.44
C LYS A 235 -4.88 22.82 -1.72
N ARG A 236 -4.45 23.84 -2.45
CA ARG A 236 -5.00 24.24 -3.77
C ARG A 236 -4.84 23.13 -4.81
N ASN A 237 -5.78 22.97 -5.73
CA ASN A 237 -5.55 22.07 -6.86
C ASN A 237 -5.42 22.85 -8.20
N ALA A 238 -5.23 22.12 -9.29
CA ALA A 238 -4.97 22.78 -10.56
C ALA A 238 -6.15 23.62 -11.01
N ASP A 239 -7.34 23.31 -10.52
CA ASP A 239 -8.51 24.09 -10.92
C ASP A 239 -8.57 25.38 -10.14
N GLY A 240 -7.82 25.48 -9.05
CA GLY A 240 -7.77 26.72 -8.27
C GLY A 240 -8.70 26.62 -7.09
N HIS A 241 -9.26 25.43 -6.94
CA HIS A 241 -10.08 25.12 -5.80
C HIS A 241 -9.22 24.60 -4.65
N PHE A 242 -9.88 24.34 -3.52
CA PHE A 242 -9.18 24.06 -2.25
C PHE A 242 -9.69 22.82 -1.57
N TRP A 243 -8.77 21.96 -1.14
CA TRP A 243 -9.15 20.76 -0.39
C TRP A 243 -8.66 20.98 1.02
N VAL A 244 -9.49 20.64 1.97
CA VAL A 244 -9.13 20.72 3.37
C VAL A 244 -9.61 19.45 4.06
N SER A 245 -8.90 19.07 5.09
CA SER A 245 -9.30 17.91 5.86
C SER A 245 -10.27 18.38 6.92
N SER A 246 -11.33 17.59 7.09
CA SER A 246 -12.23 17.87 8.19
C SER A 246 -12.29 16.67 9.11
N SER A 247 -11.80 16.83 10.33
CA SER A 247 -11.86 15.76 11.31
C SER A 247 -12.97 16.01 12.30
N GLU A 248 -14.21 15.91 11.87
CA GLU A 248 -15.33 16.23 12.75
C GLU A 248 -15.33 15.41 14.06
N GLU A 249 -15.02 16.10 15.16
CA GLU A 249 -15.06 15.54 16.51
C GLU A 249 -16.51 15.56 16.99
N LEU A 250 -17.25 14.46 16.81
CA LEU A 250 -18.66 14.47 17.11
C LEU A 250 -18.97 14.57 18.58
N ASP A 251 -17.98 14.33 19.43
CA ASP A 251 -18.18 14.48 20.86
C ASP A 251 -17.51 15.74 21.41
N GLY A 252 -17.08 16.62 20.52
CA GLY A 252 -16.43 17.86 20.89
C GLY A 252 -15.05 17.79 21.53
N ASN A 253 -14.27 16.75 21.25
CA ASN A 253 -12.88 16.68 21.73
C ASN A 253 -12.19 15.50 21.12
N MSE A 254 -10.88 15.48 21.18
CA MSE A 254 -10.14 14.47 20.42
C MSE A 254 -10.30 12.99 20.88
O MSE A 254 -9.78 12.08 20.24
CB MSE A 254 -8.68 14.88 20.39
CG MSE A 254 -8.06 14.67 21.76
SE MSE A 254 -6.34 15.50 21.82
CE MSE A 254 -5.51 14.78 19.93
N HIS A 255 -11.02 12.73 21.97
CA HIS A 255 -11.00 11.39 22.53
C HIS A 255 -12.29 10.66 22.26
N GLY A 256 -13.28 11.36 21.70
CA GLY A 256 -14.52 10.74 21.23
C GLY A 256 -14.47 10.30 19.76
N ARG A 257 -15.64 10.13 19.15
CA ARG A 257 -15.75 9.65 17.78
C ARG A 257 -15.29 10.72 16.79
N VAL A 258 -14.67 10.29 15.69
CA VAL A 258 -14.24 11.24 14.69
C VAL A 258 -14.72 10.78 13.32
N ASP A 259 -15.20 11.71 12.51
CA ASP A 259 -15.91 11.41 11.31
C ASP A 259 -15.17 12.21 10.25
N PRO A 260 -14.08 11.65 9.69
CA PRO A 260 -13.12 12.44 8.89
C PRO A 260 -13.60 12.54 7.46
N LYS A 261 -13.60 13.74 6.89
CA LYS A 261 -13.97 13.95 5.49
C LYS A 261 -13.03 14.93 4.85
N GLY A 262 -12.91 14.80 3.54
CA GLY A 262 -12.18 15.75 2.74
C GLY A 262 -13.20 16.70 2.13
N ILE A 263 -12.95 17.98 2.19
CA ILE A 263 -13.95 18.91 1.73
C ILE A 263 -13.28 19.81 0.73
N LYS A 264 -13.88 19.92 -0.45
CA LYS A 264 -13.32 20.75 -1.48
C LYS A 264 -14.17 21.98 -1.56
N PHE A 265 -13.55 23.15 -1.59
CA PHE A 265 -14.33 24.36 -1.72
C PHE A 265 -13.66 25.37 -2.68
N ASP A 266 -14.29 26.53 -2.83
CA ASP A 266 -13.86 27.45 -3.84
C ASP A 266 -13.61 28.83 -3.24
N GLU A 267 -13.18 29.76 -4.06
CA GLU A 267 -12.74 31.03 -3.52
C GLU A 267 -13.89 31.83 -2.89
N PHE A 268 -15.12 31.36 -3.03
CA PHE A 268 -16.27 32.11 -2.52
C PHE A 268 -16.96 31.36 -1.39
N GLY A 269 -16.29 30.38 -0.84
CA GLY A 269 -16.83 29.61 0.28
C GLY A 269 -17.99 28.72 -0.09
N ASN A 270 -17.98 28.14 -1.30
CA ASN A 270 -18.97 27.15 -1.69
C ASN A 270 -18.39 25.76 -1.61
N ILE A 271 -19.10 24.85 -0.93
CA ILE A 271 -18.69 23.44 -0.87
C ILE A 271 -18.90 22.77 -2.24
N LEU A 272 -17.89 22.13 -2.80
CA LEU A 272 -18.09 21.46 -4.09
C LEU A 272 -18.21 19.94 -3.95
N GLU A 273 -17.67 19.41 -2.87
CA GLU A 273 -17.39 17.99 -2.80
C GLU A 273 -17.21 17.62 -1.33
N VAL A 274 -17.74 16.49 -0.90
CA VAL A 274 -17.44 15.97 0.43
C VAL A 274 -17.09 14.49 0.28
N ILE A 275 -15.89 14.07 0.70
CA ILE A 275 -15.56 12.68 0.65
C ILE A 275 -15.23 12.15 2.01
N PRO A 276 -16.12 11.33 2.57
CA PRO A 276 -15.79 10.58 3.79
C PRO A 276 -14.72 9.54 3.53
N LEU A 277 -13.71 9.53 4.42
CA LEU A 277 -12.54 8.69 4.32
C LEU A 277 -12.89 7.23 4.54
N PRO A 278 -12.35 6.33 3.75
CA PRO A 278 -12.58 4.90 3.95
C PRO A 278 -11.63 4.28 4.99
N PRO A 279 -11.82 3.02 5.36
CA PRO A 279 -10.77 2.33 6.10
C PRO A 279 -9.45 2.40 5.29
N PRO A 280 -8.29 2.57 5.92
CA PRO A 280 -8.13 2.61 7.38
C PRO A 280 -8.21 4.02 8.01
N PHE A 281 -8.72 5.03 7.32
CA PHE A 281 -8.59 6.32 7.97
C PHE A 281 -9.86 6.65 8.69
N ALA A 282 -10.89 5.85 8.41
CA ALA A 282 -12.23 6.08 8.95
C ALA A 282 -12.12 6.05 10.47
N GLY A 283 -12.96 6.84 11.12
CA GLY A 283 -13.01 6.86 12.57
C GLY A 283 -11.87 7.61 13.23
N GLU A 284 -11.12 8.46 12.53
CA GLU A 284 -9.85 8.94 13.05
C GLU A 284 -9.43 10.24 12.40
N HIS A 285 -8.67 11.05 13.12
CA HIS A 285 -8.26 12.37 12.67
C HIS A 285 -7.34 12.19 11.51
N PHE A 286 -7.35 13.13 10.58
CA PHE A 286 -6.28 13.20 9.60
C PHE A 286 -5.79 14.62 9.31
N GLU A 287 -4.66 14.72 8.63
CA GLU A 287 -4.07 16.02 8.38
C GLU A 287 -4.42 16.70 7.05
N GLN A 288 -4.18 15.99 5.95
CA GLN A 288 -4.17 16.63 4.67
C GLN A 288 -4.85 15.73 3.67
N ILE A 289 -5.59 16.36 2.76
CA ILE A 289 -5.97 15.71 1.54
C ILE A 289 -5.48 16.61 0.38
N GLN A 290 -4.68 16.07 -0.54
CA GLN A 290 -4.13 16.90 -1.63
C GLN A 290 -4.41 16.32 -3.01
N GLU A 291 -5.02 17.10 -3.91
CA GLU A 291 -5.26 16.61 -5.25
C GLU A 291 -4.04 16.78 -6.08
N HIS A 292 -3.64 15.76 -6.81
CA HIS A 292 -2.54 15.91 -7.76
C HIS A 292 -2.71 14.89 -8.86
N ASP A 293 -2.75 15.35 -10.09
CA ASP A 293 -2.94 14.43 -11.22
C ASP A 293 -4.12 13.46 -11.05
N GLY A 294 -5.28 13.96 -10.64
CA GLY A 294 -6.45 13.11 -10.49
C GLY A 294 -6.38 12.18 -9.28
N LEU A 295 -5.33 12.29 -8.46
CA LEU A 295 -5.23 11.47 -7.26
C LEU A 295 -5.37 12.29 -5.95
N LEU A 296 -5.95 11.66 -4.94
CA LEU A 296 -6.07 12.31 -3.67
C LEU A 296 -5.15 11.73 -2.59
N TYR A 297 -4.14 12.50 -2.22
CA TYR A 297 -3.16 12.06 -1.26
C TYR A 297 -3.70 12.32 0.13
N ILE A 298 -3.58 11.32 0.99
CA ILE A 298 -4.07 11.41 2.38
C ILE A 298 -2.94 11.36 3.40
N GLY A 299 -2.68 12.50 4.03
CA GLY A 299 -1.68 12.56 5.07
C GLY A 299 -2.34 12.51 6.45
N THR A 300 -1.63 11.85 7.36
CA THR A 300 -2.15 11.45 8.63
C THR A 300 -1.00 11.58 9.66
N LEU A 301 -1.32 11.56 10.96
CA LEU A 301 -0.28 11.59 11.98
C LEU A 301 -0.17 10.29 12.72
N PHE A 302 -0.96 9.29 12.30
CA PHE A 302 -1.10 8.01 13.00
C PHE A 302 -1.08 6.77 12.11
N HIS A 303 -0.96 6.91 10.81
CA HIS A 303 -0.87 5.68 10.03
C HIS A 303 0.55 5.48 9.50
N GLY A 304 0.90 4.24 9.18
CA GLY A 304 2.21 3.98 8.62
C GLY A 304 2.23 3.85 7.10
N SER A 305 1.15 4.24 6.43
CA SER A 305 1.07 4.15 4.99
C SER A 305 0.56 5.43 4.34
N VAL A 306 1.08 5.79 3.16
CA VAL A 306 0.48 6.85 2.36
C VAL A 306 -0.84 6.28 1.83
N GLY A 307 -1.93 7.07 1.91
CA GLY A 307 -3.19 6.73 1.28
C GLY A 307 -3.39 7.64 0.08
N ILE A 308 -3.82 7.04 -1.01
CA ILE A 308 -4.14 7.78 -2.21
C ILE A 308 -5.53 7.33 -2.70
N LEU A 309 -6.48 8.25 -2.81
CA LEU A 309 -7.79 7.92 -3.37
C LEU A 309 -7.96 8.29 -4.84
N VAL A 310 -8.50 7.38 -5.66
CA VAL A 310 -8.92 7.70 -7.04
C VAL A 310 -10.45 7.78 -6.94
N TYR A 311 -11.18 8.74 -7.50
CA TYR A 311 -12.58 8.85 -6.93
C TYR A 311 -13.77 8.87 -7.88
N PRO B 7 -19.83 7.54 -1.89
CA PRO B 7 -18.70 7.08 -1.01
C PRO B 7 -18.62 5.52 -0.87
N ILE B 8 -18.29 4.78 -1.93
CA ILE B 8 -18.17 3.31 -1.77
C ILE B 8 -16.84 2.68 -2.24
N LEU B 9 -16.15 2.04 -1.29
CA LEU B 9 -14.83 1.48 -1.53
C LEU B 9 -15.01 0.21 -2.31
N LYS B 10 -14.40 0.08 -3.48
CA LYS B 10 -14.54 -1.17 -4.19
C LYS B 10 -13.21 -1.87 -4.40
N GLU B 11 -12.20 -1.09 -4.77
CA GLU B 11 -10.87 -1.63 -5.02
C GLU B 11 -9.82 -1.07 -4.06
N ILE B 12 -8.97 -1.98 -3.58
CA ILE B 12 -7.81 -1.55 -2.83
C ILE B 12 -6.53 -2.14 -3.37
N LEU B 13 -5.51 -1.32 -3.46
CA LEU B 13 -4.25 -1.78 -3.94
C LEU B 13 -3.18 -1.56 -2.89
N ILE B 14 -2.48 -2.63 -2.52
CA ILE B 14 -1.51 -2.55 -1.46
C ILE B 14 -0.15 -2.76 -2.03
N GLU B 15 0.69 -1.75 -2.00
CA GLU B 15 1.98 -1.93 -2.60
C GLU B 15 2.91 -2.78 -1.74
N ALA B 16 3.46 -3.82 -2.37
CA ALA B 16 4.25 -4.81 -1.67
C ALA B 16 5.73 -4.50 -1.80
N PRO B 17 6.53 -5.11 -0.95
CA PRO B 17 7.97 -5.03 -1.14
C PRO B 17 8.33 -6.10 -2.20
N SER B 18 9.57 -6.14 -2.65
CA SER B 18 9.87 -6.89 -3.87
C SER B 18 8.84 -6.51 -4.95
N TYR B 19 8.18 -7.53 -5.44
CA TYR B 19 7.41 -7.42 -6.64
C TYR B 19 6.71 -8.75 -6.81
N ALA B 20 5.52 -8.72 -7.39
CA ALA B 20 4.78 -9.91 -7.82
C ALA B 20 4.26 -10.80 -6.67
N PRO B 21 3.40 -10.24 -5.84
CA PRO B 21 2.71 -11.01 -4.82
C PRO B 21 1.77 -11.84 -5.64
N ASN B 22 1.94 -13.15 -5.58
CA ASN B 22 1.17 -13.99 -6.46
C ASN B 22 0.33 -14.98 -5.73
N SER B 23 0.46 -15.11 -4.41
CA SER B 23 -0.48 -15.99 -3.71
C SER B 23 -0.61 -15.64 -2.27
N PHE B 24 -1.64 -16.17 -1.65
CA PHE B 24 -2.02 -15.71 -0.36
C PHE B 24 -2.42 -16.87 0.50
N THR B 25 -2.21 -16.72 1.80
CA THR B 25 -2.83 -17.61 2.76
C THR B 25 -2.93 -16.89 4.09
N PHE B 26 -3.61 -17.50 5.05
CA PHE B 26 -4.06 -16.83 6.28
C PHE B 26 -3.98 -17.81 7.43
N ASP B 27 -3.72 -17.30 8.62
CA ASP B 27 -3.48 -18.15 9.79
C ASP B 27 -4.69 -18.19 10.72
N SER B 28 -4.61 -18.94 11.83
CA SER B 28 -5.78 -19.09 12.73
C SER B 28 -6.20 -17.76 13.31
N THR B 29 -5.21 -16.93 13.68
CA THR B 29 -5.50 -15.64 14.31
C THR B 29 -6.24 -14.76 13.32
N ASN B 30 -5.91 -14.96 12.04
CA ASN B 30 -6.66 -14.31 10.98
C ASN B 30 -6.63 -12.78 11.18
N LYS B 31 -5.42 -12.24 11.33
CA LYS B 31 -5.16 -10.82 11.07
C LYS B 31 -4.12 -10.68 9.93
N GLY B 32 -4.41 -9.81 8.98
CA GLY B 32 -3.55 -9.66 7.82
C GLY B 32 -3.42 -10.95 7.03
N PHE B 33 -2.34 -11.04 6.26
CA PHE B 33 -2.25 -12.13 5.32
C PHE B 33 -0.79 -12.42 5.01
N TYR B 34 -0.54 -13.51 4.29
CA TYR B 34 0.81 -13.85 3.90
C TYR B 34 0.83 -13.93 2.40
N THR B 35 1.96 -13.56 1.81
CA THR B 35 2.07 -13.59 0.37
C THR B 35 3.47 -13.80 -0.14
N SER B 36 3.62 -14.50 -1.25
CA SER B 36 4.94 -14.83 -1.72
C SER B 36 5.29 -13.86 -2.80
N VAL B 37 6.57 -13.48 -2.88
CA VAL B 37 7.02 -12.44 -3.81
C VAL B 37 8.29 -12.86 -4.60
N GLN B 38 8.73 -12.01 -5.53
CA GLN B 38 9.68 -12.40 -6.55
C GLN B 38 11.06 -12.74 -5.98
N ASP B 39 11.52 -11.97 -5.00
CA ASP B 39 12.86 -12.10 -4.43
C ASP B 39 13.08 -13.28 -3.47
N GLY B 40 12.12 -14.23 -3.39
CA GLY B 40 12.27 -15.46 -2.63
C GLY B 40 11.65 -15.44 -1.23
N ARG B 41 11.29 -14.26 -0.73
CA ARG B 41 10.54 -14.14 0.52
C ARG B 41 9.10 -14.61 0.50
N VAL B 42 8.59 -14.90 1.69
CA VAL B 42 7.19 -15.04 1.94
C VAL B 42 7.05 -13.99 3.00
N MSE B 43 6.31 -12.95 2.64
CA MSE B 43 6.08 -11.83 3.55
C MSE B 43 4.82 -12.06 4.32
O MSE B 43 3.98 -12.85 3.89
CB MSE B 43 5.85 -10.54 2.77
CG MSE B 43 6.77 -10.23 1.63
SE MSE B 43 8.47 -9.86 2.37
CE MSE B 43 8.22 -8.27 3.54
N LYS B 44 4.66 -11.32 5.41
CA LYS B 44 3.43 -11.24 6.17
C LYS B 44 3.00 -9.79 6.25
N TYR B 45 1.75 -9.50 5.92
CA TYR B 45 1.20 -8.16 6.05
C TYR B 45 0.37 -8.08 7.34
N GLU B 46 0.81 -7.28 8.30
CA GLU B 46 0.07 -7.15 9.56
C GLU B 46 -1.16 -6.24 9.43
N GLY B 47 -0.98 -5.07 8.80
CA GLY B 47 -2.02 -4.09 8.53
C GLY B 47 -1.35 -2.82 8.01
N PRO B 48 -2.10 -1.76 7.68
CA PRO B 48 -1.49 -0.53 7.14
C PRO B 48 -0.52 0.23 8.03
N ASN B 49 -0.69 0.24 9.34
CA ASN B 49 0.25 0.94 10.19
C ASN B 49 1.49 0.10 10.42
N SER B 50 1.29 -1.20 10.46
CA SER B 50 2.42 -2.07 10.77
C SER B 50 3.21 -2.43 9.54
N GLY B 51 2.56 -2.58 8.40
CA GLY B 51 3.28 -2.88 7.17
C GLY B 51 3.60 -4.35 6.93
N PHE B 52 4.59 -4.56 6.06
CA PHE B 52 5.04 -5.87 5.60
C PHE B 52 6.27 -6.30 6.40
N VAL B 53 6.35 -7.56 6.83
CA VAL B 53 7.59 -8.05 7.46
C VAL B 53 8.03 -9.34 6.80
N ASP B 54 9.30 -9.67 6.96
CA ASP B 54 9.75 -10.98 6.49
C ASP B 54 9.05 -12.06 7.29
N PHE B 55 8.61 -13.14 6.65
CA PHE B 55 8.11 -14.23 7.46
C PHE B 55 8.92 -15.49 7.27
N ALA B 56 9.00 -15.96 6.04
CA ALA B 56 9.78 -17.16 5.80
C ALA B 56 10.55 -17.05 4.51
N TYR B 57 11.47 -18.00 4.31
CA TYR B 57 12.25 -18.18 3.09
C TYR B 57 12.34 -19.69 2.85
N ALA B 58 12.03 -20.15 1.64
CA ALA B 58 12.24 -21.54 1.31
C ALA B 58 13.75 -21.86 1.25
N SER B 59 14.54 -20.95 0.68
CA SER B 59 15.97 -21.16 0.54
C SER B 59 16.66 -21.13 1.90
N PRO B 60 17.39 -22.16 2.25
CA PRO B 60 18.30 -22.03 3.39
C PRO B 60 19.34 -20.88 3.24
N TYR B 61 19.54 -20.32 2.05
CA TYR B 61 20.67 -19.38 1.84
C TYR B 61 20.19 -18.01 1.33
N TRP B 62 18.89 -17.76 1.46
CA TRP B 62 18.43 -16.43 1.23
C TRP B 62 19.32 -15.47 2.02
N ASN B 63 19.79 -14.45 1.34
CA ASN B 63 20.81 -13.53 1.81
C ASN B 63 20.37 -12.11 1.45
N LYS B 64 20.33 -11.18 2.41
CA LYS B 64 19.64 -9.89 2.16
C LYS B 64 20.32 -9.03 1.08
N ALA B 65 21.63 -8.83 1.19
CA ALA B 65 22.40 -8.08 0.18
C ALA B 65 22.12 -8.56 -1.22
N PHE B 66 22.29 -9.86 -1.44
CA PHE B 66 22.22 -10.45 -2.77
C PHE B 66 20.80 -10.61 -3.27
N CYS B 67 19.86 -10.91 -2.39
CA CYS B 67 18.54 -11.34 -2.81
C CYS B 67 17.43 -10.30 -2.73
N GLU B 68 17.44 -9.43 -1.72
CA GLU B 68 16.25 -8.61 -1.48
C GLU B 68 16.00 -7.68 -2.64
N ASN B 69 14.77 -7.67 -3.11
CA ASN B 69 14.35 -6.75 -4.19
C ASN B 69 14.95 -7.03 -5.56
N SER B 70 15.52 -8.22 -5.78
CA SER B 70 16.18 -8.48 -7.04
C SER B 70 15.15 -8.55 -8.10
N THR B 71 15.51 -8.12 -9.30
CA THR B 71 14.63 -8.37 -10.42
C THR B 71 15.28 -9.39 -11.38
N ASP B 72 16.50 -9.84 -11.07
CA ASP B 72 17.27 -10.67 -11.99
C ASP B 72 16.98 -12.16 -11.78
N ALA B 73 16.68 -12.86 -12.87
CA ALA B 73 16.10 -14.20 -12.84
C ALA B 73 17.15 -15.25 -12.54
N GLU B 74 18.37 -14.95 -12.92
CA GLU B 74 19.49 -15.84 -12.63
C GLU B 74 19.79 -15.90 -11.13
N LYS B 75 19.20 -15.00 -10.35
CA LYS B 75 19.37 -15.08 -8.90
C LYS B 75 18.43 -16.09 -8.19
N ARG B 76 17.39 -16.56 -8.89
CA ARG B 76 16.41 -17.47 -8.30
C ARG B 76 16.95 -18.80 -7.74
N PRO B 77 17.90 -19.47 -8.44
CA PRO B 77 18.35 -20.78 -7.95
C PRO B 77 18.94 -20.72 -6.54
N LEU B 78 19.53 -19.61 -6.16
CA LEU B 78 20.04 -19.44 -4.79
C LEU B 78 18.96 -18.85 -3.90
N CYS B 79 18.29 -17.83 -4.41
CA CYS B 79 17.32 -17.04 -3.65
C CYS B 79 16.01 -17.81 -3.44
N GLY B 80 15.67 -18.68 -4.40
CA GLY B 80 14.38 -19.34 -4.45
C GLY B 80 13.29 -18.47 -5.00
N ARG B 81 12.14 -19.06 -5.35
CA ARG B 81 10.95 -18.32 -5.71
C ARG B 81 9.81 -19.19 -5.30
N THR B 82 9.01 -18.72 -4.37
CA THR B 82 7.93 -19.52 -3.92
C THR B 82 6.68 -19.23 -4.72
N TYR B 83 6.03 -20.28 -5.21
CA TYR B 83 4.81 -20.12 -6.00
C TYR B 83 3.51 -20.23 -5.25
N ASP B 84 3.51 -20.87 -4.08
CA ASP B 84 2.26 -21.06 -3.34
C ASP B 84 2.56 -21.36 -1.89
N ILE B 85 1.60 -21.02 -1.04
CA ILE B 85 1.71 -21.28 0.38
C ILE B 85 0.34 -21.63 0.92
N SER B 86 0.27 -22.48 1.94
CA SER B 86 -1.02 -22.87 2.47
C SER B 86 -0.91 -23.20 3.92
N TYR B 87 -1.66 -22.51 4.75
CA TYR B 87 -1.61 -22.80 6.17
C TYR B 87 -2.33 -24.11 6.63
N ASN B 88 -1.76 -24.81 7.61
CA ASN B 88 -2.52 -25.83 8.31
C ASN B 88 -3.01 -25.17 9.58
N LEU B 89 -4.32 -24.91 9.65
CA LEU B 89 -4.87 -24.10 10.74
C LEU B 89 -4.75 -24.81 12.08
N GLN B 90 -5.18 -26.06 12.16
CA GLN B 90 -5.17 -26.76 13.43
C GLN B 90 -3.80 -26.73 14.15
N ASN B 91 -2.69 -26.90 13.41
CA ASN B 91 -1.38 -26.90 14.09
C ASN B 91 -0.48 -25.70 13.80
N ASN B 92 -1.09 -24.61 13.33
CA ASN B 92 -0.37 -23.40 13.01
C ASN B 92 1.00 -23.63 12.27
N GLN B 93 0.94 -24.26 11.10
CA GLN B 93 2.11 -24.66 10.30
C GLN B 93 1.91 -24.34 8.82
N MSE B 94 2.93 -23.78 8.16
CA MSE B 94 2.73 -23.30 6.77
C MSE B 94 3.47 -24.09 5.71
O MSE B 94 4.69 -24.10 5.71
CB MSE B 94 3.08 -21.81 6.64
CG MSE B 94 2.79 -21.27 5.24
SE MSE B 94 3.47 -19.48 4.79
CE MSE B 94 2.48 -18.59 6.07
N TYR B 95 2.74 -24.72 4.81
CA TYR B 95 3.35 -25.48 3.72
C TYR B 95 3.71 -24.60 2.54
N ILE B 96 4.90 -24.81 2.00
CA ILE B 96 5.44 -24.02 0.90
C ILE B 96 5.81 -24.94 -0.26
N VAL B 97 5.53 -24.50 -1.48
CA VAL B 97 6.13 -25.08 -2.67
C VAL B 97 6.91 -24.00 -3.40
N ASP B 98 8.19 -24.26 -3.56
CA ASP B 98 9.10 -23.30 -4.15
C ASP B 98 9.73 -23.93 -5.38
N CYS B 99 9.94 -23.14 -6.40
CA CYS B 99 10.42 -23.70 -7.65
C CYS B 99 11.81 -24.36 -7.53
N TYR B 100 12.63 -23.89 -6.60
CA TYR B 100 14.02 -24.35 -6.54
C TYR B 100 14.30 -25.16 -5.30
N TYR B 101 13.43 -25.03 -4.31
CA TYR B 101 13.61 -25.73 -3.05
C TYR B 101 12.45 -26.65 -2.77
N HIS B 102 11.51 -26.70 -3.69
CA HIS B 102 10.47 -27.72 -3.69
C HIS B 102 9.51 -27.61 -2.49
N LEU B 103 8.99 -28.73 -2.03
CA LEU B 103 7.99 -28.71 -0.97
C LEU B 103 8.68 -28.63 0.35
N SER B 104 8.26 -27.65 1.14
CA SER B 104 8.76 -27.49 2.49
C SER B 104 7.64 -27.07 3.44
N VAL B 105 7.99 -26.86 4.70
CA VAL B 105 7.06 -26.42 5.71
C VAL B 105 7.81 -25.52 6.68
N VAL B 106 7.09 -24.60 7.31
CA VAL B 106 7.67 -23.76 8.36
C VAL B 106 6.68 -23.60 9.49
N GLY B 107 7.19 -23.42 10.71
CA GLY B 107 6.36 -23.25 11.89
C GLY B 107 5.81 -21.86 11.93
N SER B 108 4.93 -21.61 12.91
CA SER B 108 4.25 -20.31 13.04
C SER B 108 5.20 -19.16 13.28
N GLU B 109 6.43 -19.46 13.66
CA GLU B 109 7.37 -18.41 13.96
C GLU B 109 8.17 -18.01 12.70
N GLY B 110 7.94 -18.68 11.58
CA GLY B 110 8.65 -18.32 10.36
C GLY B 110 10.10 -18.76 10.27
N GLY B 111 10.88 -18.08 9.42
CA GLY B 111 12.27 -18.42 9.21
C GLY B 111 12.51 -19.27 7.98
N HIS B 112 13.67 -19.93 7.90
CA HIS B 112 14.00 -20.77 6.76
C HIS B 112 13.19 -22.07 6.87
N ALA B 113 12.59 -22.54 5.78
CA ALA B 113 11.70 -23.66 5.89
C ALA B 113 12.44 -25.00 5.95
N THR B 114 11.76 -26.06 6.41
CA THR B 114 12.28 -27.42 6.40
C THR B 114 11.81 -28.14 5.15
N GLN B 115 12.77 -28.59 4.35
CA GLN B 115 12.42 -29.30 3.13
C GLN B 115 11.72 -30.66 3.41
N LEU B 116 10.69 -30.98 2.61
CA LEU B 116 9.87 -32.19 2.81
C LEU B 116 9.91 -33.26 1.70
N ALA B 117 10.03 -32.82 0.44
CA ALA B 117 10.04 -33.74 -0.68
C ALA B 117 10.63 -33.06 -1.91
N THR B 118 11.54 -33.74 -2.61
CA THR B 118 12.11 -33.14 -3.80
C THR B 118 11.85 -33.95 -5.05
N SER B 119 11.14 -35.06 -4.91
CA SER B 119 10.88 -35.89 -6.07
C SER B 119 9.79 -36.91 -5.78
N VAL B 120 9.29 -37.57 -6.82
CA VAL B 120 8.41 -38.74 -6.67
C VAL B 120 8.58 -39.77 -7.80
N ASP B 121 8.58 -41.07 -7.43
CA ASP B 121 8.86 -42.20 -8.35
C ASP B 121 10.23 -42.12 -9.01
N GLY B 122 11.21 -41.56 -8.30
CA GLY B 122 12.55 -41.34 -8.84
C GLY B 122 12.71 -40.17 -9.81
N VAL B 123 11.64 -39.38 -9.98
CA VAL B 123 11.62 -38.28 -10.95
C VAL B 123 11.55 -36.92 -10.23
N PRO B 124 12.70 -36.24 -10.16
CA PRO B 124 12.83 -34.99 -9.39
C PRO B 124 11.85 -33.96 -9.86
N PHE B 125 11.29 -33.16 -8.95
CA PHE B 125 10.45 -32.02 -9.31
C PHE B 125 11.25 -30.96 -10.04
N LYS B 126 10.65 -30.34 -11.05
CA LYS B 126 11.30 -29.21 -11.74
C LYS B 126 10.69 -27.85 -11.45
N TRP B 127 9.37 -27.76 -11.33
CA TRP B 127 8.71 -26.48 -10.98
C TRP B 127 7.38 -26.64 -10.21
N LEU B 128 7.49 -26.92 -8.92
CA LEU B 128 6.32 -27.01 -8.03
C LEU B 128 5.60 -25.68 -8.08
N TYR B 129 4.28 -25.69 -7.91
CA TYR B 129 3.52 -24.51 -8.24
C TYR B 129 2.31 -24.21 -7.36
N ALA B 130 1.49 -25.23 -7.11
CA ALA B 130 0.27 -25.07 -6.39
C ALA B 130 0.25 -25.99 -5.18
N VAL B 131 -0.35 -25.54 -4.08
CA VAL B 131 -0.31 -26.34 -2.88
C VAL B 131 -1.54 -26.09 -2.06
N THR B 132 -2.04 -27.15 -1.44
CA THR B 132 -3.10 -26.96 -0.46
C THR B 132 -3.15 -27.98 0.65
N VAL B 133 -3.57 -27.53 1.83
CA VAL B 133 -3.76 -28.44 2.95
C VAL B 133 -5.23 -28.81 3.13
N ASP B 134 -5.50 -30.10 3.22
CA ASP B 134 -6.82 -30.60 3.58
C ASP B 134 -6.88 -30.46 5.10
N GLN B 135 -7.59 -29.45 5.57
CA GLN B 135 -7.68 -29.25 7.01
C GLN B 135 -8.15 -30.52 7.79
N ARG B 136 -9.11 -31.28 7.24
CA ARG B 136 -9.64 -32.45 7.90
C ARG B 136 -8.62 -33.58 8.02
N THR B 137 -7.95 -33.95 6.93
CA THR B 137 -7.01 -35.07 6.99
C THR B 137 -5.57 -34.65 7.36
N GLY B 138 -5.22 -33.40 7.11
CA GLY B 138 -3.84 -32.97 7.28
C GLY B 138 -2.99 -33.26 6.05
N ILE B 139 -3.62 -33.84 5.03
CA ILE B 139 -2.94 -34.19 3.79
C ILE B 139 -2.68 -32.96 2.92
N VAL B 140 -1.57 -33.01 2.18
CA VAL B 140 -1.13 -31.89 1.35
C VAL B 140 -1.15 -32.31 -0.10
N TYR B 141 -1.89 -31.59 -0.91
CA TYR B 141 -1.86 -31.83 -2.34
C TYR B 141 -1.13 -30.71 -3.05
N PHE B 142 -0.35 -31.08 -4.03
CA PHE B 142 0.43 -30.10 -4.72
C PHE B 142 0.75 -30.55 -6.12
N THR B 143 1.36 -29.63 -6.85
CA THR B 143 1.48 -29.79 -8.27
C THR B 143 2.83 -29.41 -8.78
N ASP B 144 3.32 -30.11 -9.79
CA ASP B 144 4.54 -29.76 -10.52
C ASP B 144 4.13 -29.43 -11.93
N VAL B 145 4.48 -28.26 -12.45
CA VAL B 145 4.07 -27.96 -13.82
C VAL B 145 4.88 -28.65 -14.87
N SER B 146 6.10 -29.11 -14.55
CA SER B 146 6.91 -29.79 -15.55
C SER B 146 7.96 -30.75 -14.99
N THR B 147 8.43 -31.65 -15.83
CA THR B 147 9.59 -32.46 -15.50
C THR B 147 10.83 -31.93 -16.22
N LEU B 148 10.60 -31.07 -17.22
CA LEU B 148 11.68 -30.52 -18.03
C LEU B 148 12.09 -29.09 -17.69
N TYR B 149 11.12 -28.17 -17.60
CA TYR B 149 11.46 -26.75 -17.43
C TYR B 149 11.09 -26.15 -16.11
N ASP B 150 11.90 -25.20 -15.64
CA ASP B 150 11.52 -24.46 -14.48
C ASP B 150 11.08 -23.02 -14.87
N ASP B 151 10.75 -22.20 -13.86
CA ASP B 151 10.76 -20.73 -13.87
C ASP B 151 11.20 -19.92 -15.08
N ARG B 152 12.42 -20.18 -15.52
CA ARG B 152 13.00 -19.36 -16.56
C ARG B 152 12.83 -20.04 -17.91
N GLY B 153 11.88 -20.94 -18.02
CA GLY B 153 11.73 -21.70 -19.24
C GLY B 153 10.29 -21.70 -19.70
N VAL B 154 9.54 -20.67 -19.31
CA VAL B 154 8.12 -20.55 -19.70
C VAL B 154 7.91 -20.59 -21.23
N GLN B 155 8.73 -19.83 -21.95
CA GLN B 155 8.65 -19.81 -23.40
C GLN B 155 8.63 -21.26 -23.93
N GLN B 156 9.59 -22.08 -23.49
CA GLN B 156 9.69 -23.45 -23.99
C GLN B 156 8.43 -24.24 -23.61
N ILE B 157 7.98 -24.08 -22.37
CA ILE B 157 6.78 -24.73 -21.94
C ILE B 157 5.65 -24.46 -22.94
N MSE B 158 5.42 -23.20 -23.28
CA MSE B 158 4.43 -22.90 -24.30
C MSE B 158 4.82 -23.35 -25.72
O MSE B 158 3.97 -23.86 -26.46
CB MSE B 158 4.09 -21.42 -24.27
CG MSE B 158 3.99 -20.88 -22.86
SE MSE B 158 2.28 -21.29 -21.97
CE MSE B 158 1.15 -20.37 -23.49
N ASP B 159 6.08 -23.23 -26.12
CA ASP B 159 6.40 -23.59 -27.48
C ASP B 159 6.32 -25.10 -27.69
N THR B 160 6.64 -25.90 -26.67
CA THR B 160 6.52 -27.36 -26.83
C THR B 160 5.13 -27.86 -26.45
N SER B 161 4.35 -26.99 -25.81
CA SER B 161 3.02 -27.32 -25.31
C SER B 161 3.20 -28.43 -24.29
N ASP B 162 4.11 -28.18 -23.35
CA ASP B 162 4.57 -29.16 -22.37
C ASP B 162 3.44 -29.88 -21.61
N LYS B 163 3.36 -31.20 -21.80
CA LYS B 163 2.37 -32.04 -21.13
C LYS B 163 2.99 -33.10 -20.16
N THR B 164 3.83 -32.67 -19.20
CA THR B 164 4.41 -33.54 -18.14
C THR B 164 4.18 -33.01 -16.72
N GLY B 165 3.12 -32.23 -16.55
CA GLY B 165 2.71 -31.80 -15.22
C GLY B 165 2.23 -32.98 -14.38
N ARG B 166 2.29 -32.80 -13.06
CA ARG B 166 2.07 -33.89 -12.10
C ARG B 166 1.28 -33.42 -10.89
N LEU B 167 0.44 -34.32 -10.37
CA LEU B 167 -0.30 -34.11 -9.12
C LEU B 167 0.16 -35.09 -8.05
N MSE B 168 0.60 -34.56 -6.91
CA MSE B 168 1.04 -35.40 -5.80
C MSE B 168 0.21 -35.18 -4.55
O MSE B 168 -0.51 -34.17 -4.42
CB MSE B 168 2.46 -35.04 -5.45
CG MSE B 168 3.53 -35.65 -6.31
SE MSE B 168 3.78 -34.78 -8.06
CE MSE B 168 4.13 -32.96 -7.52
N LYS B 169 0.33 -36.11 -3.63
CA LYS B 169 -0.04 -35.83 -2.24
C LYS B 169 1.17 -36.07 -1.34
N TYR B 170 1.26 -35.31 -0.25
CA TYR B 170 2.22 -35.59 0.81
C TYR B 170 1.41 -35.74 2.07
N ASP B 171 1.84 -36.66 2.93
CA ASP B 171 1.08 -37.14 4.08
C ASP B 171 1.95 -37.07 5.32
N PRO B 172 1.84 -35.98 6.10
CA PRO B 172 2.80 -35.69 7.17
C PRO B 172 2.95 -36.87 8.15
N SER B 173 1.85 -37.58 8.45
CA SER B 173 1.92 -38.72 9.35
C SER B 173 2.88 -39.80 8.84
N THR B 174 2.71 -40.24 7.58
CA THR B 174 3.59 -41.27 7.01
C THR B 174 4.86 -40.70 6.40
N LYS B 175 4.90 -39.38 6.25
CA LYS B 175 6.03 -38.69 5.62
C LYS B 175 6.29 -39.14 4.16
N GLU B 176 5.25 -39.66 3.51
CA GLU B 176 5.34 -40.17 2.14
C GLU B 176 4.70 -39.30 1.05
N THR B 177 5.40 -39.15 -0.08
CA THR B 177 4.92 -38.43 -1.26
C THR B 177 4.34 -39.45 -2.22
N THR B 178 3.10 -39.24 -2.65
CA THR B 178 2.53 -40.16 -3.61
C THR B 178 2.15 -39.43 -4.89
N LEU B 179 2.54 -39.99 -6.04
CA LEU B 179 2.05 -39.51 -7.34
C LEU B 179 0.60 -39.92 -7.65
N LEU B 180 -0.24 -38.95 -8.02
CA LEU B 180 -1.68 -39.19 -8.25
C LEU B 180 -1.99 -39.08 -9.73
N MSE B 181 -1.37 -38.12 -10.41
CA MSE B 181 -1.60 -37.91 -11.83
C MSE B 181 -0.34 -37.41 -12.48
O MSE B 181 0.40 -36.65 -11.90
CB MSE B 181 -2.70 -36.86 -12.05
CG MSE B 181 -4.05 -37.48 -12.25
SE MSE B 181 -5.45 -36.14 -12.58
CE MSE B 181 -5.32 -35.09 -10.99
N LYS B 182 -0.11 -37.83 -13.71
CA LYS B 182 1.07 -37.52 -14.50
C LYS B 182 0.55 -37.00 -15.81
N GLU B 183 1.41 -36.41 -16.62
CA GLU B 183 1.03 -36.03 -17.98
C GLU B 183 -0.14 -35.04 -18.00
N LEU B 184 -0.10 -34.11 -17.04
CA LEU B 184 -0.98 -32.93 -17.01
C LEU B 184 -0.46 -31.78 -17.89
N HIS B 185 -1.40 -31.01 -18.45
CA HIS B 185 -1.14 -29.93 -19.40
C HIS B 185 -0.82 -28.58 -18.71
N VAL B 186 0.35 -28.46 -18.08
CA VAL B 186 0.74 -27.26 -17.34
C VAL B 186 -0.24 -27.03 -16.18
N PRO B 187 -0.13 -27.84 -15.10
CA PRO B 187 -1.08 -27.76 -13.98
C PRO B 187 -0.80 -26.61 -13.02
N GLY B 188 -1.25 -25.41 -13.39
CA GLY B 188 -1.04 -24.22 -12.58
C GLY B 188 -1.96 -23.97 -11.39
N GLY B 189 -2.86 -24.91 -11.05
CA GLY B 189 -3.70 -24.75 -9.88
C GLY B 189 -4.24 -26.07 -9.41
N ALA B 190 -4.47 -26.20 -8.10
CA ALA B 190 -4.96 -27.43 -7.50
C ALA B 190 -5.68 -27.06 -6.24
N GLU B 191 -6.79 -27.76 -5.95
CA GLU B 191 -7.49 -27.48 -4.73
C GLU B 191 -8.29 -28.70 -4.28
N VAL B 192 -8.42 -28.84 -2.96
CA VAL B 192 -9.15 -29.98 -2.37
C VAL B 192 -10.57 -29.55 -2.02
N SER B 193 -11.51 -30.48 -2.06
CA SER B 193 -12.88 -30.15 -1.70
C SER B 193 -13.03 -30.03 -0.19
N ALA B 194 -14.00 -29.23 0.23
CA ALA B 194 -14.28 -29.07 1.64
C ALA B 194 -14.66 -30.40 2.35
N ASP B 195 -15.11 -31.41 1.60
CA ASP B 195 -15.46 -32.65 2.28
C ASP B 195 -14.42 -33.75 2.04
N SER B 196 -13.30 -33.38 1.41
CA SER B 196 -12.16 -34.30 1.32
C SER B 196 -12.30 -35.35 0.23
N SER B 197 -13.37 -35.27 -0.55
CA SER B 197 -13.72 -36.38 -1.43
C SER B 197 -12.99 -36.35 -2.76
N PHE B 198 -12.54 -35.17 -3.17
CA PHE B 198 -11.86 -35.00 -4.45
C PHE B 198 -10.83 -33.86 -4.48
N VAL B 199 -9.92 -33.92 -5.46
CA VAL B 199 -9.01 -32.81 -5.75
C VAL B 199 -9.23 -32.33 -7.16
N LEU B 200 -9.15 -31.02 -7.35
CA LEU B 200 -9.24 -30.42 -8.68
C LEU B 200 -7.89 -29.97 -9.07
N VAL B 201 -7.60 -30.00 -10.36
CA VAL B 201 -6.44 -29.34 -10.92
C VAL B 201 -6.85 -28.59 -12.16
N ALA B 202 -6.15 -27.50 -12.42
CA ALA B 202 -6.37 -26.67 -13.59
C ALA B 202 -5.32 -27.12 -14.58
N GLU B 203 -5.69 -27.46 -15.79
CA GLU B 203 -4.66 -27.68 -16.81
C GLU B 203 -4.67 -26.44 -17.68
N PHE B 204 -3.68 -25.56 -17.55
CA PHE B 204 -3.67 -24.24 -18.21
C PHE B 204 -3.85 -24.31 -19.71
N LEU B 205 -3.12 -25.22 -20.37
CA LEU B 205 -3.02 -25.25 -21.82
C LEU B 205 -4.13 -26.05 -22.46
N SER B 206 -4.99 -26.63 -21.62
CA SER B 206 -6.08 -27.45 -22.11
C SER B 206 -7.42 -26.86 -21.73
N HIS B 207 -7.36 -25.70 -21.07
CA HIS B 207 -8.57 -24.95 -20.77
C HIS B 207 -9.61 -25.72 -19.97
N GLN B 208 -9.17 -26.54 -19.02
CA GLN B 208 -10.14 -27.25 -18.19
C GLN B 208 -9.75 -27.44 -16.70
N ILE B 209 -10.78 -27.57 -15.88
CA ILE B 209 -10.57 -28.00 -14.51
C ILE B 209 -10.88 -29.47 -14.53
N VAL B 210 -9.96 -30.23 -13.94
CA VAL B 210 -10.12 -31.66 -13.85
C VAL B 210 -10.38 -32.07 -12.39
N LYS B 211 -11.21 -33.09 -12.21
CA LYS B 211 -11.57 -33.57 -10.89
C LYS B 211 -10.94 -34.93 -10.68
N TYR B 212 -10.13 -35.08 -9.62
CA TYR B 212 -9.56 -36.38 -9.23
C TYR B 212 -10.18 -36.85 -7.93
N TRP B 213 -10.70 -38.07 -7.92
CA TRP B 213 -11.41 -38.59 -6.74
C TRP B 213 -10.55 -39.25 -5.67
N LEU B 214 -10.65 -38.71 -4.45
CA LEU B 214 -9.99 -39.31 -3.29
C LEU B 214 -10.79 -40.46 -2.65
N GLU B 215 -12.11 -40.33 -2.64
CA GLU B 215 -13.03 -41.26 -1.94
C GLU B 215 -14.25 -41.67 -2.79
N GLY B 216 -14.99 -42.69 -2.39
CA GLY B 216 -16.17 -43.10 -3.15
C GLY B 216 -15.80 -44.11 -4.24
N PRO B 217 -16.78 -44.53 -5.05
CA PRO B 217 -16.54 -45.64 -6.00
C PRO B 217 -15.77 -45.21 -7.27
N LYS B 218 -15.75 -43.91 -7.57
CA LYS B 218 -14.93 -43.39 -8.66
C LYS B 218 -13.49 -43.11 -8.21
N LYS B 219 -13.06 -43.63 -7.05
CA LYS B 219 -11.73 -43.29 -6.47
C LYS B 219 -10.57 -43.70 -7.38
N GLY B 220 -9.55 -42.86 -7.46
CA GLY B 220 -8.39 -43.12 -8.30
C GLY B 220 -8.56 -42.75 -9.77
N THR B 221 -9.73 -42.23 -10.14
CA THR B 221 -9.93 -41.76 -11.51
C THR B 221 -10.20 -40.27 -11.61
N ALA B 222 -9.96 -39.76 -12.82
CA ALA B 222 -10.12 -38.34 -13.17
C ALA B 222 -11.16 -38.14 -14.28
N GLU B 223 -11.63 -36.90 -14.43
CA GLU B 223 -12.65 -36.53 -15.43
C GLU B 223 -12.75 -35.03 -15.50
N VAL B 224 -13.10 -34.55 -16.69
CA VAL B 224 -13.13 -33.12 -16.94
C VAL B 224 -14.30 -32.53 -16.20
N LEU B 225 -14.06 -31.53 -15.39
CA LEU B 225 -15.11 -30.95 -14.58
C LEU B 225 -15.80 -29.83 -15.29
N VAL B 226 -15.03 -28.89 -15.84
CA VAL B 226 -15.58 -27.72 -16.50
C VAL B 226 -14.52 -27.08 -17.38
N LYS B 227 -14.97 -26.46 -18.48
CA LYS B 227 -14.12 -25.77 -19.44
C LYS B 227 -14.05 -24.29 -19.11
N ILE B 228 -12.82 -23.75 -18.95
CA ILE B 228 -12.52 -22.35 -18.58
C ILE B 228 -11.29 -21.97 -19.39
N PRO B 229 -11.26 -20.78 -20.02
CA PRO B 229 -10.08 -20.37 -20.80
C PRO B 229 -8.89 -20.00 -19.93
N ASN B 230 -7.75 -20.63 -20.21
CA ASN B 230 -6.49 -20.33 -19.53
C ASN B 230 -6.61 -20.21 -18.00
N PRO B 231 -6.88 -21.35 -17.34
CA PRO B 231 -7.05 -21.38 -15.87
C PRO B 231 -5.75 -21.53 -15.10
N GLY B 232 -5.63 -20.72 -14.05
CA GLY B 232 -4.49 -20.77 -13.15
C GLY B 232 -4.87 -21.31 -11.78
N ASN B 233 -4.42 -20.64 -10.73
CA ASN B 233 -4.69 -21.03 -9.36
C ASN B 233 -6.17 -21.28 -9.06
N ILE B 234 -6.44 -22.31 -8.26
CA ILE B 234 -7.80 -22.53 -7.77
C ILE B 234 -7.79 -22.41 -6.27
N LYS B 235 -8.71 -21.64 -5.70
CA LYS B 235 -8.78 -21.52 -4.25
C LYS B 235 -10.21 -21.71 -3.70
N ARG B 236 -10.42 -22.77 -2.91
CA ARG B 236 -11.69 -22.98 -2.20
C ARG B 236 -12.15 -21.76 -1.37
N ASN B 237 -13.44 -21.46 -1.28
CA ASN B 237 -13.89 -20.48 -0.30
C ASN B 237 -14.67 -21.13 0.87
N ALA B 238 -15.09 -20.33 1.85
CA ALA B 238 -15.78 -20.90 3.03
C ALA B 238 -17.07 -21.62 2.64
N ASP B 239 -17.62 -21.26 1.50
CA ASP B 239 -18.87 -21.84 1.07
C ASP B 239 -18.66 -23.25 0.52
N GLY B 240 -17.42 -23.55 0.14
CA GLY B 240 -17.11 -24.86 -0.40
C GLY B 240 -16.99 -24.75 -1.91
N HIS B 241 -17.20 -23.55 -2.43
CA HIS B 241 -17.09 -23.27 -3.85
C HIS B 241 -15.64 -22.94 -4.20
N PHE B 242 -15.35 -22.73 -5.50
CA PHE B 242 -13.99 -22.64 -6.04
C PHE B 242 -13.82 -21.40 -6.94
N TRP B 243 -12.77 -20.62 -6.65
CA TRP B 243 -12.43 -19.44 -7.41
C TRP B 243 -11.23 -19.82 -8.23
N VAL B 244 -11.20 -19.39 -9.50
CA VAL B 244 -10.10 -19.71 -10.38
C VAL B 244 -9.82 -18.47 -11.21
N SER B 245 -8.57 -18.24 -11.55
CA SER B 245 -8.24 -17.21 -12.49
C SER B 245 -8.47 -17.73 -13.90
N SER B 246 -8.91 -16.83 -14.78
CA SER B 246 -9.09 -17.11 -16.20
C SER B 246 -8.37 -16.00 -16.92
N SER B 247 -7.29 -16.36 -17.56
CA SER B 247 -6.55 -15.38 -18.29
C SER B 247 -6.76 -15.61 -19.76
N GLU B 248 -7.98 -15.37 -20.26
CA GLU B 248 -8.25 -15.70 -21.67
C GLU B 248 -7.28 -14.98 -22.63
N GLU B 249 -6.41 -15.79 -23.23
CA GLU B 249 -5.51 -15.43 -24.33
C GLU B 249 -6.32 -15.31 -25.61
N LEU B 250 -6.80 -14.11 -25.90
CA LEU B 250 -7.69 -13.83 -27.03
C LEU B 250 -7.12 -14.17 -28.41
N ASP B 251 -5.78 -14.11 -28.54
CA ASP B 251 -5.09 -14.41 -29.81
C ASP B 251 -4.34 -15.76 -29.75
N GLY B 252 -4.76 -16.61 -28.80
CA GLY B 252 -4.19 -17.93 -28.54
C GLY B 252 -2.68 -17.99 -28.28
N ASN B 253 -2.14 -17.07 -27.48
CA ASN B 253 -0.71 -17.04 -27.13
C ASN B 253 -0.43 -15.87 -26.21
N MSE B 254 0.63 -16.02 -25.43
CA MSE B 254 0.89 -15.10 -24.31
C MSE B 254 1.26 -13.66 -24.71
O MSE B 254 1.42 -12.78 -23.85
CB MSE B 254 1.96 -15.70 -23.37
CG MSE B 254 3.25 -16.15 -24.12
SE MSE B 254 4.71 -16.65 -22.87
CE MSE B 254 3.70 -16.47 -20.98
N HIS B 255 1.39 -13.39 -26.01
CA HIS B 255 1.89 -12.09 -26.39
C HIS B 255 0.80 -11.18 -26.94
N GLY B 256 -0.36 -11.76 -27.30
CA GLY B 256 -1.52 -10.99 -27.73
C GLY B 256 -2.38 -10.51 -26.54
N ARG B 257 -3.62 -10.10 -26.87
CA ARG B 257 -4.58 -9.55 -25.89
C ARG B 257 -4.93 -10.58 -24.82
N VAL B 258 -5.15 -10.07 -23.62
CA VAL B 258 -5.59 -10.93 -22.53
C VAL B 258 -6.83 -10.38 -21.85
N ASP B 259 -7.77 -11.27 -21.57
CA ASP B 259 -9.01 -10.87 -20.94
C ASP B 259 -9.21 -11.57 -19.60
N PRO B 260 -8.71 -10.94 -18.54
CA PRO B 260 -8.61 -11.60 -17.24
C PRO B 260 -9.94 -11.58 -16.53
N LYS B 261 -10.38 -12.75 -16.08
CA LYS B 261 -11.66 -12.93 -15.36
C LYS B 261 -11.44 -13.84 -14.18
N GLY B 262 -12.15 -13.55 -13.09
CA GLY B 262 -12.23 -14.44 -11.94
C GLY B 262 -13.48 -15.29 -12.07
N ILE B 263 -13.34 -16.60 -12.03
CA ILE B 263 -14.54 -17.40 -12.22
C ILE B 263 -14.82 -18.25 -10.99
N LYS B 264 -16.03 -18.19 -10.48
CA LYS B 264 -16.36 -18.97 -9.31
C LYS B 264 -17.20 -20.16 -9.80
N PHE B 265 -16.91 -21.37 -9.34
CA PHE B 265 -17.70 -22.54 -9.73
C PHE B 265 -17.94 -23.55 -8.58
N ASP B 266 -18.84 -24.49 -8.83
CA ASP B 266 -19.20 -25.43 -7.77
C ASP B 266 -18.62 -26.79 -8.01
N GLU B 267 -18.83 -27.67 -7.04
CA GLU B 267 -18.34 -29.03 -7.13
C GLU B 267 -18.84 -29.80 -8.37
N PHE B 268 -19.90 -29.32 -9.03
CA PHE B 268 -20.44 -30.03 -10.20
C PHE B 268 -20.14 -29.37 -11.53
N GLY B 269 -19.24 -28.40 -11.54
CA GLY B 269 -18.89 -27.70 -12.77
C GLY B 269 -19.89 -26.69 -13.29
N ASN B 270 -20.63 -26.06 -12.38
CA ASN B 270 -21.55 -25.00 -12.73
C ASN B 270 -20.91 -23.72 -12.33
N ILE B 271 -20.87 -22.79 -13.27
CA ILE B 271 -20.30 -21.49 -13.01
C ILE B 271 -21.29 -20.63 -12.22
N LEU B 272 -20.83 -20.00 -11.17
CA LEU B 272 -21.73 -19.18 -10.36
C LEU B 272 -21.50 -17.70 -10.48
N GLU B 273 -20.33 -17.30 -10.96
CA GLU B 273 -19.99 -15.90 -11.01
C GLU B 273 -18.84 -15.66 -11.95
N VAL B 274 -18.83 -14.51 -12.59
CA VAL B 274 -17.69 -14.12 -13.39
C VAL B 274 -17.36 -12.67 -13.06
N ILE B 275 -16.11 -12.38 -12.71
CA ILE B 275 -15.71 -11.00 -12.48
C ILE B 275 -14.57 -10.60 -13.41
N PRO B 276 -14.84 -9.70 -14.36
CA PRO B 276 -13.77 -9.06 -15.13
C PRO B 276 -12.93 -8.21 -14.19
N LEU B 277 -11.61 -8.33 -14.27
CA LEU B 277 -10.72 -7.56 -13.40
C LEU B 277 -10.64 -6.11 -13.83
N PRO B 278 -10.59 -5.17 -12.90
CA PRO B 278 -10.43 -3.75 -13.27
C PRO B 278 -8.97 -3.41 -13.53
N PRO B 279 -8.68 -2.19 -14.00
CA PRO B 279 -7.27 -1.71 -14.00
C PRO B 279 -6.77 -1.72 -12.54
N PRO B 280 -5.49 -1.99 -12.31
CA PRO B 280 -4.51 -2.21 -13.38
C PRO B 280 -4.36 -3.67 -13.85
N PHE B 281 -5.27 -4.58 -13.50
CA PHE B 281 -5.05 -5.99 -13.87
C PHE B 281 -5.63 -6.25 -15.23
N ALA B 282 -6.59 -5.44 -15.64
CA ALA B 282 -7.23 -5.58 -16.95
C ALA B 282 -6.19 -5.64 -18.08
N GLY B 283 -6.50 -6.43 -19.12
CA GLY B 283 -5.63 -6.69 -20.27
C GLY B 283 -4.36 -7.52 -20.05
N GLU B 284 -4.30 -8.29 -18.96
CA GLU B 284 -3.05 -8.81 -18.43
C GLU B 284 -3.22 -10.16 -17.71
N HIS B 285 -2.23 -11.07 -17.76
CA HIS B 285 -2.38 -12.37 -17.11
C HIS B 285 -2.45 -12.17 -15.59
N PHE B 286 -3.20 -13.02 -14.90
CA PHE B 286 -3.07 -13.04 -13.45
C PHE B 286 -3.07 -14.45 -12.91
N GLU B 287 -2.52 -14.65 -11.72
CA GLU B 287 -2.37 -15.97 -11.12
C GLU B 287 -3.56 -16.44 -10.29
N GLN B 288 -4.07 -15.58 -9.41
CA GLN B 288 -4.91 -16.02 -8.29
C GLN B 288 -6.03 -15.05 -7.98
N ILE B 289 -7.22 -15.58 -7.75
CA ILE B 289 -8.28 -14.81 -7.11
C ILE B 289 -8.70 -15.62 -5.86
N GLN B 290 -8.57 -15.07 -4.65
CA GLN B 290 -9.00 -15.83 -3.47
C GLN B 290 -9.97 -15.07 -2.56
N GLU B 291 -11.09 -15.70 -2.26
CA GLU B 291 -12.07 -15.07 -1.41
C GLU B 291 -11.74 -15.35 0.05
N HIS B 292 -11.70 -14.30 0.87
CA HIS B 292 -11.51 -14.47 2.30
C HIS B 292 -12.17 -13.34 3.05
N ASP B 293 -13.11 -13.71 3.91
CA ASP B 293 -13.89 -12.69 4.65
C ASP B 293 -14.41 -11.57 3.77
N GLY B 294 -15.18 -11.92 2.75
CA GLY B 294 -15.77 -10.89 1.89
C GLY B 294 -14.81 -10.07 1.02
N LEU B 295 -13.51 -10.39 1.04
CA LEU B 295 -12.60 -9.78 0.10
C LEU B 295 -12.02 -10.75 -0.93
N LEU B 296 -11.70 -10.23 -2.10
CA LEU B 296 -11.06 -11.02 -3.13
C LEU B 296 -9.66 -10.49 -3.34
N TYR B 297 -8.69 -11.34 -2.98
CA TYR B 297 -7.28 -11.07 -3.16
C TYR B 297 -6.87 -11.47 -4.57
N ILE B 298 -6.14 -10.56 -5.24
CA ILE B 298 -5.66 -10.74 -6.60
C ILE B 298 -4.13 -10.90 -6.69
N GLY B 299 -3.69 -12.09 -7.06
CA GLY B 299 -2.28 -12.36 -7.19
C GLY B 299 -1.86 -12.36 -8.64
N THR B 300 -0.64 -11.89 -8.85
CA THR B 300 -0.17 -11.60 -10.17
C THR B 300 1.33 -11.89 -10.20
N LEU B 301 1.87 -12.07 -11.40
CA LEU B 301 3.28 -12.32 -11.54
C LEU B 301 3.95 -11.14 -12.18
N PHE B 302 3.26 -10.01 -12.27
CA PHE B 302 3.85 -8.85 -12.88
C PHE B 302 3.50 -7.53 -12.20
N HIS B 303 2.68 -7.51 -11.19
CA HIS B 303 2.39 -6.21 -10.62
C HIS B 303 3.15 -6.00 -9.29
N GLY B 304 3.36 -4.76 -8.87
CA GLY B 304 4.03 -4.54 -7.61
C GLY B 304 3.10 -4.39 -6.41
N SER B 305 1.80 -4.60 -6.61
CA SER B 305 0.80 -4.40 -5.56
C SER B 305 -0.12 -5.58 -5.39
N VAL B 306 -0.56 -5.84 -4.16
CA VAL B 306 -1.64 -6.80 -3.91
C VAL B 306 -2.92 -6.09 -4.32
N GLY B 307 -3.80 -6.79 -5.01
CA GLY B 307 -5.10 -6.27 -5.35
C GLY B 307 -6.12 -6.93 -4.47
N ILE B 308 -7.07 -6.13 -4.02
CA ILE B 308 -8.14 -6.62 -3.17
C ILE B 308 -9.44 -6.05 -3.71
N LEU B 309 -10.36 -6.90 -4.18
CA LEU B 309 -11.67 -6.42 -4.57
C LEU B 309 -12.63 -6.56 -3.41
N VAL B 310 -13.44 -5.53 -3.19
CA VAL B 310 -14.45 -5.57 -2.17
C VAL B 310 -15.66 -6.20 -2.80
N TYR B 311 -16.02 -7.33 -2.16
CA TYR B 311 -16.94 -8.34 -2.64
C TYR B 311 -18.24 -8.27 -1.88
N1 TSS C . -5.52 16.44 12.54
CA TSS C . -6.42 17.48 12.01
CB TSS C . -5.90 18.86 12.40
CG TSS C . -5.02 18.76 13.65
CD1 TSS C . -4.84 17.66 14.37
NE1 TSS C . -4.03 17.94 15.38
CE2 TSS C . -3.67 19.21 15.33
CD2 TSS C . -4.30 19.77 14.23
CZ2 TSS C . -2.85 19.98 16.14
CH2 TSS C . -2.66 21.31 15.83
CZ3 TSS C . -3.28 21.87 14.73
CE3 TSS C . -4.11 21.09 13.91
N1 TSS D . -1.84 -16.77 -15.62
CA TSS D . -2.31 -17.91 -14.76
CB TSS D . -1.49 -19.22 -14.91
CG TSS D . -0.09 -18.99 -15.57
CD1 TSS D . 0.41 -17.85 -16.13
NE1 TSS D . 1.65 -18.08 -16.58
CE2 TSS D . 1.98 -19.35 -16.31
CD2 TSS D . 0.89 -19.96 -15.67
CZ2 TSS D . 3.13 -20.09 -16.57
CH2 TSS D . 3.22 -21.42 -16.18
CZ3 TSS D . 2.12 -22.00 -15.53
CE3 TSS D . 0.95 -21.29 -15.28
#